data_2MFI
#
_entry.id   2MFI
#
_entity_poly.entity_id   1
_entity_poly.type   'polypeptide(L)'
_entity_poly.pdbx_seq_one_letter_code
;GIDPFTESLKEIETRPGSIVRGVVVAIDKDVVLVDAGLKSESAIPAEQFKNAQGELEIQVGDEVDVALDAVEDGFGETLL
SREKAKRHEAWITLEK
;
_entity_poly.pdbx_strand_id   A
#
# COMPACT_ATOMS: atom_id res chain seq x y z
N GLY A 1 -20.95 14.80 32.08
CA GLY A 1 -21.93 15.86 31.97
C GLY A 1 -21.30 17.19 31.64
N ILE A 2 -20.48 17.22 30.60
CA ILE A 2 -19.81 18.45 30.18
C ILE A 2 -19.22 18.31 28.78
N ASP A 3 -19.46 19.31 27.94
CA ASP A 3 -18.95 19.30 26.58
C ASP A 3 -19.23 20.62 25.88
N PRO A 4 -18.50 21.67 26.28
CA PRO A 4 -18.66 23.01 25.71
C PRO A 4 -18.16 23.09 24.26
N PHE A 5 -16.98 22.54 24.02
CA PHE A 5 -16.38 22.54 22.70
C PHE A 5 -15.63 21.25 22.42
N THR A 6 -16.14 20.15 22.98
CA THR A 6 -15.50 18.85 22.80
C THR A 6 -16.30 17.98 21.83
N GLU A 7 -16.72 18.58 20.72
CA GLU A 7 -17.49 17.86 19.71
C GLU A 7 -16.86 18.03 18.33
N SER A 8 -16.82 16.95 17.57
CA SER A 8 -16.25 16.98 16.23
C SER A 8 -17.30 17.40 15.20
N LEU A 9 -16.83 17.86 14.04
CA LEU A 9 -17.72 18.30 12.97
C LEU A 9 -18.46 17.11 12.36
N LYS A 10 -19.78 17.13 12.47
CA LYS A 10 -20.60 16.06 11.93
C LYS A 10 -20.89 16.29 10.45
N GLU A 11 -19.84 16.36 9.64
CA GLU A 11 -19.97 16.58 8.21
C GLU A 11 -18.81 15.96 7.44
N ILE A 12 -19.08 15.53 6.22
CA ILE A 12 -18.06 14.93 5.38
C ILE A 12 -18.03 15.56 4.00
N GLU A 13 -16.82 15.83 3.50
CA GLU A 13 -16.66 16.45 2.19
C GLU A 13 -16.06 15.45 1.20
N THR A 14 -15.38 14.43 1.73
CA THR A 14 -14.76 13.41 0.90
C THR A 14 -15.72 12.27 0.63
N ARG A 15 -15.36 11.40 -0.31
CA ARG A 15 -16.19 10.26 -0.67
C ARG A 15 -15.41 8.95 -0.56
N PRO A 16 -16.13 7.83 -0.46
CA PRO A 16 -15.52 6.50 -0.34
C PRO A 16 -14.84 6.06 -1.63
N GLY A 17 -13.79 5.26 -1.50
CA GLY A 17 -13.07 4.78 -2.66
C GLY A 17 -11.97 3.80 -2.28
N SER A 18 -12.26 2.92 -1.33
CA SER A 18 -11.28 1.93 -0.89
C SER A 18 -10.01 2.60 -0.38
N ILE A 19 -10.18 3.55 0.53
CA ILE A 19 -9.04 4.28 1.10
C ILE A 19 -8.97 4.09 2.61
N VAL A 20 -7.77 3.87 3.12
CA VAL A 20 -7.57 3.68 4.54
C VAL A 20 -6.62 4.74 5.11
N ARG A 21 -6.89 5.16 6.34
CA ARG A 21 -6.06 6.18 6.99
C ARG A 21 -5.02 5.51 7.91
N GLY A 22 -3.75 5.77 7.62
CA GLY A 22 -2.68 5.20 8.43
C GLY A 22 -1.69 6.24 8.91
N VAL A 23 -0.49 5.80 9.24
CA VAL A 23 0.55 6.71 9.72
C VAL A 23 1.94 6.20 9.34
N VAL A 24 2.82 7.13 9.00
CA VAL A 24 4.20 6.78 8.63
C VAL A 24 4.94 6.15 9.80
N VAL A 25 5.22 4.85 9.68
CA VAL A 25 5.93 4.13 10.72
C VAL A 25 7.43 4.14 10.48
N ALA A 26 7.83 4.43 9.24
CA ALA A 26 9.24 4.48 8.88
C ALA A 26 9.43 5.18 7.54
N ILE A 27 10.54 5.90 7.40
CA ILE A 27 10.84 6.62 6.18
C ILE A 27 12.15 6.13 5.56
N ASP A 28 12.04 5.26 4.57
CA ASP A 28 13.22 4.71 3.89
C ASP A 28 13.99 5.81 3.18
N LYS A 29 15.06 5.44 2.49
CA LYS A 29 15.89 6.39 1.76
C LYS A 29 15.29 6.68 0.39
N ASP A 30 14.52 5.75 -0.14
CA ASP A 30 13.88 5.91 -1.43
C ASP A 30 12.38 5.70 -1.34
N VAL A 31 11.97 4.80 -0.45
CA VAL A 31 10.55 4.51 -0.26
C VAL A 31 10.08 4.95 1.12
N VAL A 32 8.80 4.71 1.41
CA VAL A 32 8.23 5.09 2.70
C VAL A 32 7.33 3.98 3.25
N LEU A 33 7.41 3.76 4.55
CA LEU A 33 6.61 2.73 5.20
C LEU A 33 5.46 3.35 5.99
N VAL A 34 4.25 2.87 5.74
CA VAL A 34 3.06 3.38 6.43
C VAL A 34 2.25 2.24 7.03
N ASP A 35 1.58 2.53 8.14
CA ASP A 35 0.77 1.53 8.82
C ASP A 35 -0.72 1.81 8.64
N ALA A 36 -1.36 1.07 7.76
CA ALA A 36 -2.78 1.24 7.49
C ALA A 36 -3.63 0.29 8.33
N GLY A 37 -3.05 -0.18 9.44
CA GLY A 37 -3.76 -1.10 10.30
C GLY A 37 -3.51 -2.54 9.95
N LEU A 38 -2.24 -2.93 9.92
CA LEU A 38 -1.87 -4.31 9.59
C LEU A 38 -0.52 -4.66 10.21
N LYS A 39 -0.10 -5.91 10.02
CA LYS A 39 1.17 -6.39 10.55
C LYS A 39 2.32 -6.03 9.62
N SER A 40 2.07 -6.17 8.32
CA SER A 40 3.09 -5.86 7.31
C SER A 40 2.95 -4.43 6.82
N GLU A 41 3.94 -3.60 7.15
CA GLU A 41 3.93 -2.20 6.74
C GLU A 41 3.71 -2.07 5.24
N SER A 42 2.67 -1.32 4.86
CA SER A 42 2.34 -1.12 3.46
C SER A 42 3.45 -0.36 2.75
N ALA A 43 4.07 -0.99 1.75
CA ALA A 43 5.14 -0.39 0.99
C ALA A 43 4.60 0.68 0.03
N ILE A 44 5.09 1.90 0.19
CA ILE A 44 4.65 3.00 -0.66
C ILE A 44 5.82 3.91 -1.03
N PRO A 45 5.91 4.25 -2.33
CA PRO A 45 6.98 5.12 -2.84
C PRO A 45 6.84 6.56 -2.37
N ALA A 46 7.93 7.12 -1.86
CA ALA A 46 7.92 8.50 -1.38
C ALA A 46 7.45 9.46 -2.47
N GLU A 47 7.62 9.05 -3.73
CA GLU A 47 7.22 9.88 -4.86
C GLU A 47 5.72 10.16 -4.82
N GLN A 48 4.97 9.26 -4.21
CA GLN A 48 3.52 9.40 -4.11
C GLN A 48 3.14 10.29 -2.92
N PHE A 49 3.95 10.23 -1.86
CA PHE A 49 3.71 11.03 -0.67
C PHE A 49 4.15 12.47 -0.88
N LYS A 50 5.30 12.64 -1.53
CA LYS A 50 5.83 13.97 -1.81
C LYS A 50 4.92 14.75 -2.74
N ASN A 51 5.38 15.93 -3.16
CA ASN A 51 4.59 16.77 -4.07
C ASN A 51 5.23 16.81 -5.46
N ALA A 52 4.61 17.56 -6.35
CA ALA A 52 5.11 17.69 -7.72
C ALA A 52 6.49 18.35 -7.74
N GLN A 53 6.78 19.11 -6.70
CA GLN A 53 8.06 19.81 -6.59
C GLN A 53 9.20 18.82 -6.38
N GLY A 54 8.87 17.64 -5.89
CA GLY A 54 9.87 16.62 -5.65
C GLY A 54 10.42 16.66 -4.24
N GLU A 55 9.57 17.02 -3.28
CA GLU A 55 9.98 17.10 -1.89
C GLU A 55 8.94 16.43 -0.98
N LEU A 56 9.39 15.45 -0.21
CA LEU A 56 8.50 14.73 0.69
C LEU A 56 7.84 15.69 1.69
N GLU A 57 6.53 15.86 1.56
CA GLU A 57 5.79 16.74 2.46
C GLU A 57 5.56 16.08 3.81
N ILE A 58 5.47 14.75 3.79
CA ILE A 58 5.24 14.00 5.03
C ILE A 58 6.56 13.61 5.68
N GLN A 59 6.48 13.02 6.87
CA GLN A 59 7.67 12.58 7.60
C GLN A 59 7.35 11.43 8.52
N VAL A 60 8.38 10.92 9.21
CA VAL A 60 8.21 9.80 10.14
C VAL A 60 7.23 10.15 11.25
N GLY A 61 6.15 9.38 11.34
CA GLY A 61 5.15 9.64 12.36
C GLY A 61 3.99 10.45 11.86
N ASP A 62 4.21 11.21 10.79
CA ASP A 62 3.17 12.04 10.21
C ASP A 62 2.02 11.19 9.68
N GLU A 63 0.81 11.57 10.04
CA GLU A 63 -0.38 10.83 9.61
C GLU A 63 -0.58 10.96 8.10
N VAL A 64 -0.56 9.82 7.41
CA VAL A 64 -0.73 9.80 5.96
C VAL A 64 -1.81 8.79 5.56
N ASP A 65 -2.50 9.10 4.46
CA ASP A 65 -3.56 8.23 3.97
C ASP A 65 -3.03 7.28 2.90
N VAL A 66 -3.39 6.01 3.01
CA VAL A 66 -2.95 5.00 2.05
C VAL A 66 -4.13 4.39 1.32
N ALA A 67 -3.97 4.19 0.01
CA ALA A 67 -5.04 3.61 -0.81
C ALA A 67 -5.14 2.11 -0.58
N LEU A 68 -6.23 1.68 0.03
CA LEU A 68 -6.45 0.26 0.30
C LEU A 68 -6.46 -0.54 -0.99
N ASP A 69 -5.47 -1.41 -1.13
CA ASP A 69 -5.35 -2.26 -2.32
C ASP A 69 -6.02 -3.61 -2.09
N ALA A 70 -6.37 -4.28 -3.18
CA ALA A 70 -7.02 -5.59 -3.09
C ALA A 70 -6.10 -6.68 -3.64
N VAL A 71 -5.43 -7.40 -2.74
CA VAL A 71 -4.53 -8.47 -3.13
C VAL A 71 -4.51 -9.58 -2.08
N GLU A 72 -4.50 -10.83 -2.54
CA GLU A 72 -4.48 -11.97 -1.65
C GLU A 72 -3.19 -12.78 -1.82
N ASP A 73 -3.04 -13.81 -1.00
CA ASP A 73 -1.86 -14.67 -1.07
C ASP A 73 -2.23 -16.08 -1.49
N GLY A 74 -1.99 -16.40 -2.77
CA GLY A 74 -2.31 -17.71 -3.27
C GLY A 74 -1.09 -18.60 -3.39
N PHE A 75 -0.91 -19.51 -2.44
CA PHE A 75 0.23 -20.42 -2.43
C PHE A 75 0.34 -21.14 -3.77
N GLY A 76 -0.80 -21.50 -4.34
CA GLY A 76 -0.81 -22.20 -5.62
C GLY A 76 -0.80 -23.71 -5.45
N GLU A 77 -1.82 -24.36 -6.00
CA GLU A 77 -1.93 -25.82 -5.91
C GLU A 77 -2.18 -26.43 -7.28
N THR A 78 -1.73 -27.67 -7.46
CA THR A 78 -1.91 -28.36 -8.73
C THR A 78 -3.39 -28.54 -9.06
N LEU A 79 -3.71 -28.53 -10.34
CA LEU A 79 -5.08 -28.69 -10.78
C LEU A 79 -5.14 -29.47 -12.11
N LEU A 80 -6.02 -30.47 -12.16
CA LEU A 80 -6.18 -31.28 -13.36
C LEU A 80 -6.87 -30.50 -14.46
N SER A 81 -6.13 -30.18 -15.51
CA SER A 81 -6.69 -29.43 -16.64
C SER A 81 -6.16 -29.98 -17.97
N ARG A 82 -6.61 -29.38 -19.06
CA ARG A 82 -6.19 -29.80 -20.39
C ARG A 82 -4.88 -29.13 -20.79
N GLU A 83 -4.71 -27.88 -20.37
CA GLU A 83 -3.51 -27.12 -20.68
C GLU A 83 -2.32 -27.64 -19.87
N LYS A 84 -2.61 -28.16 -18.69
CA LYS A 84 -1.57 -28.68 -17.81
C LYS A 84 -0.69 -29.69 -18.55
N ALA A 85 -1.28 -30.82 -18.91
CA ALA A 85 -0.55 -31.86 -19.62
C ALA A 85 -0.74 -31.73 -21.13
N LYS A 86 0.29 -32.08 -21.88
CA LYS A 86 0.24 -32.00 -23.34
C LYS A 86 -0.46 -33.22 -23.93
N ARG A 87 -1.29 -33.00 -24.95
CA ARG A 87 -2.01 -34.08 -25.59
C ARG A 87 -2.54 -33.65 -26.95
N HIS A 88 -2.31 -34.48 -27.96
CA HIS A 88 -2.76 -34.18 -29.32
C HIS A 88 -4.27 -33.93 -29.35
N GLU A 89 -4.74 -33.34 -30.44
CA GLU A 89 -6.16 -33.05 -30.59
C GLU A 89 -7.00 -34.30 -30.33
N ALA A 90 -7.72 -34.29 -29.21
CA ALA A 90 -8.57 -35.42 -28.84
C ALA A 90 -9.44 -35.09 -27.65
N TRP A 91 -10.55 -35.81 -27.51
CA TRP A 91 -11.47 -35.58 -26.40
C TRP A 91 -12.06 -36.91 -25.91
N ILE A 92 -12.88 -36.83 -24.87
CA ILE A 92 -13.50 -38.02 -24.30
C ILE A 92 -14.97 -37.76 -23.97
N THR A 93 -15.80 -38.78 -24.21
CA THR A 93 -17.23 -38.67 -23.95
C THR A 93 -17.67 -39.68 -22.90
N LEU A 94 -18.81 -39.41 -22.27
CA LEU A 94 -19.35 -40.30 -21.24
C LEU A 94 -20.71 -40.84 -21.65
N GLU A 95 -21.27 -41.73 -20.84
CA GLU A 95 -22.56 -42.33 -21.11
C GLU A 95 -22.57 -43.01 -22.48
N LYS A 96 -21.44 -43.62 -22.83
CA LYS A 96 -21.29 -44.31 -24.11
C LYS A 96 -22.24 -45.50 -24.18
N GLY A 1 10.01 30.15 -26.26
CA GLY A 1 9.59 29.04 -25.44
C GLY A 1 8.09 28.80 -25.50
N ILE A 2 7.67 27.82 -26.28
CA ILE A 2 6.26 27.49 -26.43
C ILE A 2 5.94 26.12 -25.82
N ASP A 3 6.80 25.67 -24.91
CA ASP A 3 6.61 24.38 -24.26
C ASP A 3 6.57 23.25 -25.29
N PRO A 4 7.73 22.94 -25.88
CA PRO A 4 7.85 21.88 -26.89
C PRO A 4 7.66 20.49 -26.29
N PHE A 5 8.30 20.24 -25.16
CA PHE A 5 8.20 18.95 -24.50
C PHE A 5 8.25 19.11 -22.98
N THR A 6 7.78 20.26 -22.50
CA THR A 6 7.77 20.53 -21.07
C THR A 6 6.34 20.61 -20.53
N GLU A 7 5.45 19.81 -21.11
CA GLU A 7 4.06 19.79 -20.69
C GLU A 7 3.92 19.12 -19.32
N SER A 8 2.79 19.38 -18.66
CA SER A 8 2.54 18.81 -17.34
C SER A 8 1.08 19.02 -16.94
N LEU A 9 0.34 17.92 -16.81
CA LEU A 9 -1.06 17.98 -16.43
C LEU A 9 -1.56 16.61 -15.99
N LYS A 10 -2.35 16.59 -14.91
CA LYS A 10 -2.89 15.35 -14.39
C LYS A 10 -3.80 15.62 -13.19
N GLU A 11 -5.11 15.70 -13.46
CA GLU A 11 -6.09 15.96 -12.41
C GLU A 11 -6.61 14.65 -11.83
N ILE A 12 -7.10 14.70 -10.60
CA ILE A 12 -7.65 13.53 -9.93
C ILE A 12 -9.06 13.78 -9.42
N GLU A 13 -10.03 13.15 -10.07
CA GLU A 13 -11.43 13.31 -9.68
C GLU A 13 -12.04 11.97 -9.28
N THR A 14 -11.19 11.06 -8.81
CA THR A 14 -11.64 9.74 -8.39
C THR A 14 -12.56 9.83 -7.17
N ARG A 15 -13.38 8.81 -6.98
CA ARG A 15 -14.32 8.78 -5.87
C ARG A 15 -13.81 7.85 -4.77
N PRO A 16 -14.34 8.03 -3.54
CA PRO A 16 -13.95 7.22 -2.39
C PRO A 16 -14.46 5.78 -2.49
N GLY A 17 -13.91 4.91 -1.66
CA GLY A 17 -14.31 3.50 -1.68
C GLY A 17 -13.38 2.63 -0.86
N SER A 18 -12.16 2.44 -1.37
CA SER A 18 -11.18 1.60 -0.68
C SER A 18 -9.99 2.43 -0.22
N ILE A 19 -10.23 3.30 0.77
CA ILE A 19 -9.17 4.16 1.29
C ILE A 19 -9.04 3.99 2.80
N VAL A 20 -7.80 3.85 3.28
CA VAL A 20 -7.54 3.70 4.70
C VAL A 20 -6.59 4.78 5.21
N ARG A 21 -6.85 5.25 6.43
CA ARG A 21 -6.02 6.29 7.03
C ARG A 21 -4.96 5.68 7.95
N GLY A 22 -3.71 5.71 7.51
CA GLY A 22 -2.63 5.16 8.30
C GLY A 22 -1.66 6.21 8.79
N VAL A 23 -0.47 5.79 9.20
CA VAL A 23 0.54 6.70 9.69
C VAL A 23 1.94 6.22 9.33
N VAL A 24 2.81 7.16 8.96
CA VAL A 24 4.18 6.83 8.58
C VAL A 24 4.92 6.17 9.74
N VAL A 25 5.18 4.88 9.62
CA VAL A 25 5.89 4.14 10.65
C VAL A 25 7.40 4.26 10.49
N ALA A 26 7.83 4.59 9.27
CA ALA A 26 9.25 4.75 8.98
C ALA A 26 9.47 5.32 7.58
N ILE A 27 10.46 6.19 7.45
CA ILE A 27 10.77 6.80 6.16
C ILE A 27 12.06 6.24 5.59
N ASP A 28 11.93 5.31 4.65
CA ASP A 28 13.09 4.70 4.01
C ASP A 28 13.94 5.74 3.30
N LYS A 29 14.91 5.28 2.52
CA LYS A 29 15.80 6.17 1.79
C LYS A 29 15.16 6.63 0.48
N ASP A 30 14.48 5.70 -0.18
CA ASP A 30 13.82 6.00 -1.45
C ASP A 30 12.32 5.77 -1.35
N VAL A 31 11.92 4.87 -0.45
CA VAL A 31 10.51 4.56 -0.25
C VAL A 31 10.04 5.00 1.13
N VAL A 32 8.77 4.74 1.43
CA VAL A 32 8.20 5.12 2.72
C VAL A 32 7.31 4.00 3.27
N LEU A 33 7.39 3.78 4.58
CA LEU A 33 6.59 2.75 5.23
C LEU A 33 5.43 3.36 6.00
N VAL A 34 4.23 2.84 5.77
CA VAL A 34 3.04 3.33 6.45
C VAL A 34 2.25 2.18 7.07
N ASP A 35 1.55 2.48 8.16
CA ASP A 35 0.75 1.47 8.85
C ASP A 35 -0.74 1.75 8.66
N ALA A 36 -1.38 0.95 7.80
CA ALA A 36 -2.80 1.10 7.53
C ALA A 36 -3.63 0.09 8.34
N GLY A 37 -3.06 -0.40 9.43
CA GLY A 37 -3.74 -1.36 10.27
C GLY A 37 -3.43 -2.79 9.88
N LEU A 38 -2.15 -3.13 9.85
CA LEU A 38 -1.72 -4.47 9.49
C LEU A 38 -0.36 -4.79 10.11
N LYS A 39 0.05 -6.04 10.01
CA LYS A 39 1.34 -6.48 10.55
C LYS A 39 2.48 -6.11 9.61
N SER A 40 2.23 -6.22 8.32
CA SER A 40 3.24 -5.89 7.31
C SER A 40 3.09 -4.46 6.83
N GLU A 41 4.04 -3.61 7.19
CA GLU A 41 4.00 -2.21 6.79
C GLU A 41 3.80 -2.07 5.28
N SER A 42 2.69 -1.46 4.88
CA SER A 42 2.37 -1.28 3.48
C SER A 42 3.45 -0.45 2.78
N ALA A 43 4.12 -1.06 1.81
CA ALA A 43 5.18 -0.39 1.07
C ALA A 43 4.60 0.67 0.13
N ILE A 44 5.09 1.90 0.27
CA ILE A 44 4.62 3.00 -0.57
C ILE A 44 5.77 3.89 -1.01
N PRO A 45 5.80 4.22 -2.31
CA PRO A 45 6.86 5.06 -2.88
C PRO A 45 6.75 6.52 -2.42
N ALA A 46 7.84 7.04 -1.88
CA ALA A 46 7.88 8.41 -1.40
C ALA A 46 7.44 9.38 -2.48
N GLU A 47 7.69 9.02 -3.74
CA GLU A 47 7.32 9.86 -4.86
C GLU A 47 5.82 10.15 -4.87
N GLN A 48 5.06 9.27 -4.22
CA GLN A 48 3.61 9.43 -4.15
C GLN A 48 3.23 10.37 -3.01
N PHE A 49 4.01 10.36 -1.94
CA PHE A 49 3.75 11.22 -0.79
C PHE A 49 4.20 12.65 -1.07
N LYS A 50 5.36 12.79 -1.72
CA LYS A 50 5.91 14.10 -2.04
C LYS A 50 5.08 14.77 -3.13
N ASN A 51 5.40 16.04 -3.40
CA ASN A 51 4.69 16.80 -4.43
C ASN A 51 5.59 17.06 -5.63
N ALA A 52 5.14 17.93 -6.52
CA ALA A 52 5.91 18.27 -7.71
C ALA A 52 7.30 18.78 -7.35
N GLN A 53 7.41 19.37 -6.16
CA GLN A 53 8.70 19.89 -5.69
C GLN A 53 9.69 18.76 -5.42
N GLY A 54 9.17 17.53 -5.38
CA GLY A 54 10.03 16.38 -5.14
C GLY A 54 10.40 16.24 -3.68
N GLU A 55 9.89 17.15 -2.85
CA GLU A 55 10.18 17.13 -1.42
C GLU A 55 9.06 16.43 -0.65
N LEU A 56 9.39 15.33 0.01
CA LEU A 56 8.41 14.58 0.80
C LEU A 56 7.67 15.49 1.75
N GLU A 57 6.39 15.73 1.47
CA GLU A 57 5.56 16.58 2.31
C GLU A 57 5.31 15.92 3.66
N ILE A 58 5.50 14.61 3.72
CA ILE A 58 5.29 13.87 4.96
C ILE A 58 6.61 13.34 5.51
N GLN A 59 6.57 12.88 6.76
CA GLN A 59 7.77 12.35 7.42
C GLN A 59 7.39 11.34 8.49
N VAL A 60 8.40 10.75 9.12
CA VAL A 60 8.19 9.76 10.17
C VAL A 60 7.37 10.35 11.32
N GLY A 61 6.24 9.71 11.61
CA GLY A 61 5.39 10.19 12.69
C GLY A 61 4.18 10.94 12.18
N ASP A 62 4.24 11.39 10.94
CA ASP A 62 3.14 12.13 10.33
C ASP A 62 2.10 11.17 9.75
N GLU A 63 0.83 11.46 10.02
CA GLU A 63 -0.26 10.62 9.52
C GLU A 63 -0.50 10.85 8.04
N VAL A 64 -0.60 9.77 7.28
CA VAL A 64 -0.84 9.87 5.85
C VAL A 64 -2.00 8.98 5.42
N ASP A 65 -2.56 9.26 4.24
CA ASP A 65 -3.68 8.50 3.72
C ASP A 65 -3.21 7.49 2.68
N VAL A 66 -3.35 6.21 3.00
CA VAL A 66 -2.94 5.14 2.08
C VAL A 66 -4.14 4.55 1.36
N ALA A 67 -4.04 4.43 0.04
CA ALA A 67 -5.11 3.87 -0.77
C ALA A 67 -5.15 2.34 -0.66
N LEU A 68 -6.21 1.84 -0.02
CA LEU A 68 -6.36 0.39 0.15
C LEU A 68 -6.48 -0.31 -1.19
N ASP A 69 -5.58 -1.25 -1.44
CA ASP A 69 -5.58 -2.01 -2.69
C ASP A 69 -6.61 -3.13 -2.65
N ALA A 70 -6.87 -3.74 -3.80
CA ALA A 70 -7.83 -4.84 -3.89
C ALA A 70 -7.12 -6.18 -3.89
N VAL A 71 -6.73 -6.64 -2.70
CA VAL A 71 -6.04 -7.91 -2.55
C VAL A 71 -6.41 -8.60 -1.25
N GLU A 72 -7.14 -9.70 -1.34
CA GLU A 72 -7.56 -10.44 -0.15
C GLU A 72 -6.47 -11.41 0.29
N ASP A 73 -6.69 -12.07 1.43
CA ASP A 73 -5.73 -13.02 1.95
C ASP A 73 -6.30 -14.44 1.93
N GLY A 74 -7.62 -14.54 1.95
CA GLY A 74 -8.26 -15.84 1.93
C GLY A 74 -9.48 -15.89 2.84
N PHE A 75 -10.67 -15.81 2.23
CA PHE A 75 -11.91 -15.85 2.99
C PHE A 75 -13.07 -16.28 2.10
N GLY A 76 -13.88 -17.22 2.60
CA GLY A 76 -15.01 -17.70 1.83
C GLY A 76 -14.84 -19.13 1.39
N GLU A 77 -15.17 -20.07 2.28
CA GLU A 77 -15.03 -21.50 1.97
C GLU A 77 -15.99 -21.89 0.85
N THR A 78 -15.48 -21.88 -0.38
CA THR A 78 -16.28 -22.24 -1.55
C THR A 78 -16.23 -23.75 -1.81
N LEU A 79 -17.29 -24.27 -2.43
CA LEU A 79 -17.36 -25.68 -2.74
C LEU A 79 -17.63 -25.91 -4.23
N LEU A 80 -17.01 -25.08 -5.07
CA LEU A 80 -17.19 -25.19 -6.51
C LEU A 80 -15.93 -25.74 -7.17
N SER A 81 -15.84 -27.06 -7.23
CA SER A 81 -14.68 -27.72 -7.83
C SER A 81 -15.01 -29.16 -8.21
N ARG A 82 -14.81 -29.49 -9.48
CA ARG A 82 -15.10 -30.83 -9.99
C ARG A 82 -13.94 -31.78 -9.67
N GLU A 83 -12.74 -31.22 -9.56
CA GLU A 83 -11.55 -32.01 -9.27
C GLU A 83 -11.77 -32.88 -8.04
N LYS A 84 -12.49 -32.35 -7.06
CA LYS A 84 -12.77 -33.08 -5.82
C LYS A 84 -13.46 -34.41 -6.13
N ALA A 85 -14.28 -34.43 -7.17
CA ALA A 85 -14.99 -35.64 -7.57
C ALA A 85 -14.01 -36.74 -7.97
N LYS A 86 -14.46 -37.98 -7.88
CA LYS A 86 -13.64 -39.13 -8.23
C LYS A 86 -13.58 -39.31 -9.74
N ARG A 87 -12.40 -39.69 -10.25
CA ARG A 87 -12.22 -39.89 -11.68
C ARG A 87 -12.91 -41.17 -12.14
N HIS A 88 -12.33 -42.31 -11.78
CA HIS A 88 -12.89 -43.61 -12.16
C HIS A 88 -12.05 -44.75 -11.59
N GLU A 89 -12.40 -45.97 -11.97
CA GLU A 89 -11.66 -47.15 -11.51
C GLU A 89 -12.18 -48.41 -12.19
N ALA A 90 -11.69 -49.56 -11.75
CA ALA A 90 -12.10 -50.84 -12.32
C ALA A 90 -11.73 -50.93 -13.80
N TRP A 91 -10.48 -50.60 -14.12
CA TRP A 91 -10.01 -50.63 -15.49
C TRP A 91 -8.80 -51.56 -15.63
N ILE A 92 -8.53 -52.34 -14.59
CA ILE A 92 -7.40 -53.26 -14.59
C ILE A 92 -7.85 -54.67 -14.94
N THR A 93 -9.15 -54.93 -14.79
CA THR A 93 -9.71 -56.25 -15.09
C THR A 93 -10.59 -56.20 -16.34
N LEU A 94 -10.46 -57.21 -17.19
CA LEU A 94 -11.25 -57.28 -18.41
C LEU A 94 -12.74 -57.44 -18.09
N GLU A 95 -13.53 -57.72 -19.12
CA GLU A 95 -14.97 -57.89 -18.95
C GLU A 95 -15.27 -59.15 -18.16
N LYS A 96 -14.58 -60.24 -18.49
CA LYS A 96 -14.78 -61.52 -17.80
C LYS A 96 -13.48 -61.99 -17.15
N GLY A 1 -16.37 37.06 0.60
CA GLY A 1 -15.05 37.47 0.12
C GLY A 1 -14.83 37.10 -1.34
N ILE A 2 -13.66 37.42 -1.85
CA ILE A 2 -13.32 37.12 -3.24
C ILE A 2 -12.17 36.13 -3.33
N ASP A 3 -12.32 35.14 -4.20
CA ASP A 3 -11.29 34.12 -4.39
C ASP A 3 -11.49 33.39 -5.71
N PRO A 4 -11.17 34.06 -6.82
CA PRO A 4 -11.30 33.50 -8.16
C PRO A 4 -10.28 32.39 -8.43
N PHE A 5 -9.06 32.60 -7.95
CA PHE A 5 -7.99 31.62 -8.14
C PHE A 5 -7.84 30.74 -6.90
N THR A 6 -8.38 31.20 -5.78
CA THR A 6 -8.30 30.46 -4.52
C THR A 6 -9.56 29.67 -4.28
N GLU A 7 -10.11 29.06 -5.34
CA GLU A 7 -11.32 28.27 -5.24
C GLU A 7 -11.07 26.98 -4.46
N SER A 8 -11.33 27.02 -3.16
CA SER A 8 -11.13 25.87 -2.30
C SER A 8 -12.47 25.27 -1.86
N LEU A 9 -12.85 24.16 -2.48
CA LEU A 9 -14.11 23.50 -2.15
C LEU A 9 -13.85 22.16 -1.47
N LYS A 10 -14.14 22.10 -0.16
CA LYS A 10 -13.94 20.88 0.61
C LYS A 10 -15.25 20.09 0.71
N GLU A 11 -15.90 19.89 -0.42
CA GLU A 11 -17.16 19.15 -0.45
C GLU A 11 -16.92 17.70 -0.87
N ILE A 12 -17.67 16.79 -0.25
CA ILE A 12 -17.54 15.37 -0.56
C ILE A 12 -18.45 14.98 -1.73
N GLU A 13 -17.83 14.65 -2.86
CA GLU A 13 -18.57 14.25 -4.05
C GLU A 13 -19.04 12.80 -3.94
N THR A 14 -18.34 12.02 -3.11
CA THR A 14 -18.67 10.62 -2.92
C THR A 14 -17.87 10.01 -1.78
N ARG A 15 -18.50 9.13 -1.02
CA ARG A 15 -17.84 8.48 0.11
C ARG A 15 -16.57 7.77 -0.35
N PRO A 16 -15.67 7.48 0.61
CA PRO A 16 -14.40 6.81 0.34
C PRO A 16 -14.60 5.34 -0.06
N GLY A 17 -13.76 4.85 -0.95
CA GLY A 17 -13.85 3.48 -1.39
C GLY A 17 -12.70 2.62 -0.89
N SER A 18 -11.72 2.39 -1.75
CA SER A 18 -10.56 1.58 -1.39
C SER A 18 -9.42 2.46 -0.89
N ILE A 19 -9.68 3.20 0.18
CA ILE A 19 -8.67 4.08 0.77
C ILE A 19 -8.65 3.97 2.29
N VAL A 20 -7.47 3.73 2.85
CA VAL A 20 -7.32 3.61 4.29
C VAL A 20 -6.47 4.74 4.86
N ARG A 21 -6.72 5.09 6.11
CA ARG A 21 -5.98 6.16 6.77
C ARG A 21 -4.97 5.58 7.76
N GLY A 22 -3.68 5.66 7.40
CA GLY A 22 -2.65 5.14 8.27
C GLY A 22 -1.69 6.23 8.73
N VAL A 23 -0.45 5.84 9.02
CA VAL A 23 0.56 6.79 9.46
C VAL A 23 1.97 6.28 9.15
N VAL A 24 2.81 7.17 8.64
CA VAL A 24 4.19 6.81 8.30
C VAL A 24 4.94 6.31 9.52
N VAL A 25 5.16 5.00 9.59
CA VAL A 25 5.88 4.39 10.70
C VAL A 25 7.38 4.47 10.49
N ALA A 26 7.79 4.66 9.24
CA ALA A 26 9.21 4.75 8.90
C ALA A 26 9.40 5.30 7.49
N ILE A 27 10.47 6.06 7.31
CA ILE A 27 10.78 6.65 6.01
C ILE A 27 12.04 6.04 5.42
N ASP A 28 11.88 5.12 4.47
CA ASP A 28 13.01 4.47 3.82
C ASP A 28 13.89 5.49 3.12
N LYS A 29 14.84 5.00 2.32
CA LYS A 29 15.74 5.87 1.58
C LYS A 29 15.10 6.35 0.28
N ASP A 30 14.39 5.45 -0.39
CA ASP A 30 13.73 5.79 -1.64
C ASP A 30 12.22 5.58 -1.53
N VAL A 31 11.82 4.69 -0.64
CA VAL A 31 10.41 4.40 -0.42
C VAL A 31 9.95 4.85 0.96
N VAL A 32 8.67 4.60 1.26
CA VAL A 32 8.11 4.98 2.56
C VAL A 32 7.22 3.87 3.11
N LEU A 33 7.32 3.65 4.42
CA LEU A 33 6.51 2.62 5.08
C LEU A 33 5.40 3.25 5.90
N VAL A 34 4.17 2.81 5.65
CA VAL A 34 3.01 3.32 6.37
C VAL A 34 2.23 2.19 7.04
N ASP A 35 1.62 2.50 8.18
CA ASP A 35 0.85 1.51 8.92
C ASP A 35 -0.65 1.75 8.74
N ALA A 36 -1.31 0.82 8.04
CA ALA A 36 -2.74 0.92 7.80
C ALA A 36 -3.52 -0.03 8.69
N GLY A 37 -2.90 -0.46 9.78
CA GLY A 37 -3.55 -1.38 10.70
C GLY A 37 -3.25 -2.84 10.37
N LEU A 38 -1.97 -3.17 10.32
CA LEU A 38 -1.55 -4.53 10.02
C LEU A 38 -0.17 -4.82 10.60
N LYS A 39 0.33 -6.03 10.35
CA LYS A 39 1.65 -6.42 10.84
C LYS A 39 2.74 -6.04 9.85
N SER A 40 2.43 -6.17 8.56
CA SER A 40 3.39 -5.83 7.52
C SER A 40 3.16 -4.41 7.01
N GLU A 41 4.10 -3.52 7.30
CA GLU A 41 4.00 -2.13 6.87
C GLU A 41 3.69 -2.05 5.37
N SER A 42 2.77 -1.16 5.02
CA SER A 42 2.39 -0.98 3.62
C SER A 42 3.49 -0.29 2.83
N ALA A 43 3.93 -0.94 1.76
CA ALA A 43 5.00 -0.39 0.93
C ALA A 43 4.45 0.68 -0.02
N ILE A 44 4.91 1.91 0.14
CA ILE A 44 4.47 3.02 -0.70
C ILE A 44 5.64 3.90 -1.11
N PRO A 45 5.70 4.24 -2.42
CA PRO A 45 6.76 5.09 -2.96
C PRO A 45 6.66 6.52 -2.48
N ALA A 46 7.76 7.04 -1.92
CA ALA A 46 7.79 8.41 -1.43
C ALA A 46 7.34 9.39 -2.50
N GLU A 47 7.55 9.02 -3.76
CA GLU A 47 7.17 9.87 -4.88
C GLU A 47 5.69 10.20 -4.84
N GLN A 48 4.91 9.32 -4.22
CA GLN A 48 3.47 9.50 -4.11
C GLN A 48 3.13 10.40 -2.92
N PHE A 49 3.94 10.31 -1.87
CA PHE A 49 3.72 11.11 -0.67
C PHE A 49 4.21 12.54 -0.87
N LYS A 50 5.35 12.68 -1.54
CA LYS A 50 5.92 13.99 -1.80
C LYS A 50 5.04 14.79 -2.77
N ASN A 51 5.48 16.00 -3.10
CA ASN A 51 4.73 16.86 -4.01
C ASN A 51 5.46 17.00 -5.35
N ALA A 52 4.89 17.80 -6.24
CA ALA A 52 5.49 18.02 -7.55
C ALA A 52 6.88 18.62 -7.43
N GLN A 53 7.18 19.20 -6.28
CA GLN A 53 8.48 19.81 -6.03
C GLN A 53 9.56 18.74 -5.94
N GLY A 54 9.18 17.54 -5.53
CA GLY A 54 10.13 16.45 -5.41
C GLY A 54 10.53 16.18 -3.97
N GLU A 55 10.19 17.12 -3.08
CA GLU A 55 10.52 16.99 -1.67
C GLU A 55 9.36 16.38 -0.89
N LEU A 56 9.66 15.42 -0.04
CA LEU A 56 8.64 14.76 0.77
C LEU A 56 7.96 15.75 1.71
N GLU A 57 6.66 15.95 1.53
CA GLU A 57 5.90 16.87 2.37
C GLU A 57 5.55 16.22 3.71
N ILE A 58 5.61 14.90 3.75
CA ILE A 58 5.30 14.16 4.97
C ILE A 58 6.53 13.42 5.49
N GLN A 59 6.45 12.96 6.74
CA GLN A 59 7.55 12.24 7.36
C GLN A 59 7.05 11.30 8.44
N VAL A 60 7.89 10.34 8.84
CA VAL A 60 7.53 9.38 9.87
C VAL A 60 7.02 10.08 11.12
N GLY A 61 5.82 9.69 11.56
CA GLY A 61 5.24 10.28 12.75
C GLY A 61 3.97 11.06 12.46
N ASP A 62 3.76 11.36 11.18
CA ASP A 62 2.58 12.12 10.76
C ASP A 62 1.56 11.19 10.09
N GLU A 63 0.28 11.46 10.33
CA GLU A 63 -0.79 10.65 9.75
C GLU A 63 -0.98 10.97 8.27
N VAL A 64 -0.90 9.95 7.43
CA VAL A 64 -1.07 10.13 6.00
C VAL A 64 -2.18 9.22 5.45
N ASP A 65 -2.56 9.45 4.20
CA ASP A 65 -3.60 8.66 3.57
C ASP A 65 -2.99 7.58 2.66
N VAL A 66 -3.39 6.33 2.88
CA VAL A 66 -2.89 5.23 2.09
C VAL A 66 -3.97 4.65 1.18
N ALA A 67 -3.62 4.40 -0.07
CA ALA A 67 -4.56 3.86 -1.04
C ALA A 67 -4.61 2.33 -0.96
N LEU A 68 -5.70 1.81 -0.43
CA LEU A 68 -5.87 0.37 -0.29
C LEU A 68 -5.93 -0.31 -1.66
N ASP A 69 -6.19 0.49 -2.69
CA ASP A 69 -6.28 -0.02 -4.06
C ASP A 69 -5.03 -0.83 -4.40
N ALA A 70 -5.10 -1.56 -5.51
CA ALA A 70 -3.98 -2.39 -5.96
C ALA A 70 -3.22 -1.71 -7.09
N VAL A 71 -1.91 -1.57 -6.93
CA VAL A 71 -1.06 -0.94 -7.93
C VAL A 71 -0.37 -1.98 -8.81
N GLU A 72 0.46 -1.52 -9.72
CA GLU A 72 1.19 -2.42 -10.61
C GLU A 72 2.02 -3.42 -9.82
N ASP A 73 2.48 -4.46 -10.50
CA ASP A 73 3.28 -5.50 -9.86
C ASP A 73 4.51 -5.83 -10.71
N GLY A 74 5.39 -6.66 -10.16
CA GLY A 74 6.60 -7.05 -10.87
C GLY A 74 6.60 -8.50 -11.27
N PHE A 75 6.42 -8.76 -12.56
CA PHE A 75 6.40 -10.12 -13.08
C PHE A 75 6.79 -10.15 -14.55
N GLY A 76 7.77 -10.98 -14.88
CA GLY A 76 8.23 -11.09 -16.25
C GLY A 76 8.99 -12.39 -16.51
N GLU A 77 10.31 -12.27 -16.61
CA GLU A 77 11.16 -13.43 -16.87
C GLU A 77 11.26 -14.30 -15.62
N THR A 78 12.05 -15.37 -15.71
CA THR A 78 12.24 -16.29 -14.60
C THR A 78 13.68 -16.80 -14.54
N LEU A 79 14.15 -17.05 -13.32
CA LEU A 79 15.51 -17.55 -13.13
C LEU A 79 15.64 -19.00 -13.59
N LEU A 80 16.85 -19.39 -13.96
CA LEU A 80 17.10 -20.76 -14.42
C LEU A 80 18.06 -21.48 -13.47
N SER A 81 18.05 -21.06 -12.21
CA SER A 81 18.92 -21.67 -11.20
C SER A 81 18.12 -22.63 -10.31
N ARG A 82 18.83 -23.44 -9.55
CA ARG A 82 18.20 -24.41 -8.66
C ARG A 82 18.19 -23.89 -7.23
N GLU A 83 19.27 -23.21 -6.84
CA GLU A 83 19.39 -22.67 -5.49
C GLU A 83 18.19 -21.79 -5.15
N LYS A 84 17.74 -21.01 -6.12
CA LYS A 84 16.59 -20.12 -5.94
C LYS A 84 15.30 -20.92 -5.79
N ALA A 85 15.10 -21.87 -6.69
CA ALA A 85 13.91 -22.71 -6.66
C ALA A 85 13.94 -23.68 -5.48
N LYS A 86 12.84 -23.75 -4.75
CA LYS A 86 12.74 -24.64 -3.59
C LYS A 86 12.74 -26.10 -4.03
N ARG A 87 12.78 -27.01 -3.06
CA ARG A 87 12.80 -28.44 -3.34
C ARG A 87 12.01 -29.20 -2.28
N HIS A 88 11.68 -30.45 -2.59
CA HIS A 88 10.93 -31.30 -1.67
C HIS A 88 11.75 -32.50 -1.25
N GLU A 89 12.94 -32.25 -0.73
CA GLU A 89 13.82 -33.32 -0.28
C GLU A 89 14.03 -34.36 -1.38
N ALA A 90 14.27 -33.87 -2.60
CA ALA A 90 14.47 -34.75 -3.74
C ALA A 90 15.69 -35.65 -3.54
N TRP A 91 15.45 -36.88 -3.08
CA TRP A 91 16.52 -37.83 -2.84
C TRP A 91 16.05 -39.26 -3.11
N ILE A 92 16.96 -40.21 -2.94
CA ILE A 92 16.65 -41.61 -3.16
C ILE A 92 16.70 -42.41 -1.87
N THR A 93 17.29 -41.80 -0.84
CA THR A 93 17.41 -42.45 0.46
C THR A 93 17.05 -41.49 1.59
N LEU A 94 16.29 -41.99 2.56
CA LEU A 94 15.87 -41.17 3.69
C LEU A 94 16.17 -41.88 5.01
N GLU A 95 15.72 -41.30 6.11
CA GLU A 95 15.93 -41.88 7.43
C GLU A 95 15.53 -43.35 7.45
N LYS A 96 16.53 -44.22 7.52
CA LYS A 96 16.28 -45.66 7.55
C LYS A 96 15.50 -46.05 8.79
N GLY A 1 -18.31 38.13 -19.17
CA GLY A 1 -17.05 38.38 -18.50
C GLY A 1 -15.88 37.70 -19.18
N ILE A 2 -14.69 38.27 -18.99
CA ILE A 2 -13.49 37.72 -19.60
C ILE A 2 -12.86 36.65 -18.72
N ASP A 3 -13.04 35.39 -19.11
CA ASP A 3 -12.50 34.26 -18.36
C ASP A 3 -12.48 32.99 -19.20
N PRO A 4 -11.55 32.95 -20.17
CA PRO A 4 -11.40 31.80 -21.06
C PRO A 4 -10.86 30.57 -20.35
N PHE A 5 -9.90 30.79 -19.46
CA PHE A 5 -9.30 29.69 -18.70
C PHE A 5 -8.73 30.19 -17.38
N THR A 6 -9.36 31.23 -16.83
CA THR A 6 -8.92 31.81 -15.56
C THR A 6 -9.97 31.61 -14.48
N GLU A 7 -10.68 30.49 -14.54
CA GLU A 7 -11.72 30.17 -13.56
C GLU A 7 -11.12 29.46 -12.35
N SER A 8 -11.69 29.72 -11.17
CA SER A 8 -11.22 29.11 -9.95
C SER A 8 -12.11 27.92 -9.54
N LEU A 9 -11.91 26.80 -10.22
CA LEU A 9 -12.69 25.60 -9.94
C LEU A 9 -12.39 25.07 -8.54
N LYS A 10 -13.38 25.13 -7.66
CA LYS A 10 -13.22 24.66 -6.29
C LYS A 10 -14.32 23.65 -5.94
N GLU A 11 -14.80 22.93 -6.94
CA GLU A 11 -15.85 21.95 -6.73
C GLU A 11 -15.27 20.64 -6.17
N ILE A 12 -16.12 19.83 -5.57
CA ILE A 12 -15.69 18.56 -5.00
C ILE A 12 -16.25 17.38 -5.79
N GLU A 13 -15.35 16.53 -6.28
CA GLU A 13 -15.74 15.36 -7.06
C GLU A 13 -15.23 14.08 -6.42
N THR A 14 -15.15 14.07 -5.09
CA THR A 14 -14.67 12.91 -4.36
C THR A 14 -15.80 11.93 -4.07
N ARG A 15 -15.45 10.66 -3.89
CA ARG A 15 -16.44 9.63 -3.61
C ARG A 15 -15.83 8.51 -2.78
N PRO A 16 -16.70 7.76 -2.07
CA PRO A 16 -16.26 6.65 -1.22
C PRO A 16 -15.75 5.46 -2.04
N GLY A 17 -14.58 4.95 -1.66
CA GLY A 17 -14.00 3.82 -2.35
C GLY A 17 -13.27 2.87 -1.43
N SER A 18 -11.98 2.68 -1.68
CA SER A 18 -11.17 1.79 -0.86
C SER A 18 -9.92 2.51 -0.34
N ILE A 19 -10.14 3.50 0.52
CA ILE A 19 -9.04 4.27 1.09
C ILE A 19 -8.98 4.09 2.61
N VAL A 20 -7.79 3.83 3.12
CA VAL A 20 -7.59 3.64 4.55
C VAL A 20 -6.63 4.68 5.12
N ARG A 21 -6.89 5.12 6.35
CA ARG A 21 -6.05 6.11 7.00
C ARG A 21 -5.02 5.44 7.89
N GLY A 22 -3.75 5.77 7.67
CA GLY A 22 -2.68 5.19 8.47
C GLY A 22 -1.70 6.23 8.98
N VAL A 23 -0.46 5.82 9.20
CA VAL A 23 0.57 6.72 9.69
C VAL A 23 1.96 6.22 9.33
N VAL A 24 2.82 7.13 8.88
CA VAL A 24 4.18 6.78 8.50
C VAL A 24 4.95 6.20 9.68
N VAL A 25 5.17 4.89 9.66
CA VAL A 25 5.90 4.22 10.73
C VAL A 25 7.41 4.33 10.52
N ALA A 26 7.81 4.58 9.28
CA ALA A 26 9.23 4.71 8.95
C ALA A 26 9.42 5.31 7.56
N ILE A 27 10.41 6.17 7.43
CA ILE A 27 10.70 6.82 6.15
C ILE A 27 11.99 6.29 5.54
N ASP A 28 11.86 5.35 4.61
CA ASP A 28 13.01 4.77 3.95
C ASP A 28 13.84 5.84 3.24
N LYS A 29 14.86 5.40 2.51
CA LYS A 29 15.73 6.32 1.78
C LYS A 29 15.12 6.70 0.44
N ASP A 30 14.34 5.78 -0.14
CA ASP A 30 13.70 6.02 -1.42
C ASP A 30 12.19 5.80 -1.32
N VAL A 31 11.80 4.88 -0.44
CA VAL A 31 10.38 4.57 -0.25
C VAL A 31 9.91 5.00 1.13
N VAL A 32 8.65 4.72 1.43
CA VAL A 32 8.07 5.08 2.72
C VAL A 32 7.21 3.96 3.27
N LEU A 33 7.30 3.74 4.58
CA LEU A 33 6.53 2.68 5.23
C LEU A 33 5.39 3.27 6.05
N VAL A 34 4.16 2.81 5.78
CA VAL A 34 2.99 3.30 6.49
C VAL A 34 2.23 2.14 7.13
N ASP A 35 1.56 2.42 8.24
CA ASP A 35 0.78 1.41 8.94
C ASP A 35 -0.71 1.64 8.76
N ALA A 36 -1.33 0.83 7.91
CA ALA A 36 -2.76 0.95 7.64
C ALA A 36 -3.56 -0.03 8.50
N GLY A 37 -2.95 -0.49 9.58
CA GLY A 37 -3.62 -1.42 10.47
C GLY A 37 -3.36 -2.86 10.10
N LEU A 38 -2.08 -3.23 10.04
CA LEU A 38 -1.69 -4.60 9.69
C LEU A 38 -0.32 -4.93 10.26
N LYS A 39 0.15 -6.15 9.99
CA LYS A 39 1.44 -6.60 10.48
C LYS A 39 2.55 -6.21 9.51
N SER A 40 2.25 -6.23 8.22
CA SER A 40 3.21 -5.88 7.18
C SER A 40 3.02 -4.45 6.72
N GLU A 41 3.97 -3.58 7.09
CA GLU A 41 3.91 -2.17 6.73
C GLU A 41 3.68 -2.02 5.22
N SER A 42 2.59 -1.35 4.85
CA SER A 42 2.27 -1.13 3.45
C SER A 42 3.39 -0.37 2.74
N ALA A 43 3.97 -1.01 1.74
CA ALA A 43 5.05 -0.40 0.97
C ALA A 43 4.52 0.65 0.00
N ILE A 44 4.99 1.88 0.15
CA ILE A 44 4.55 2.98 -0.71
C ILE A 44 5.71 3.90 -1.05
N PRO A 45 5.83 4.24 -2.35
CA PRO A 45 6.90 5.13 -2.84
C PRO A 45 6.72 6.56 -2.37
N ALA A 46 7.79 7.15 -1.84
CA ALA A 46 7.76 8.53 -1.36
C ALA A 46 7.29 9.48 -2.45
N GLU A 47 7.47 9.07 -3.71
CA GLU A 47 7.07 9.90 -4.84
C GLU A 47 5.57 10.22 -4.77
N GLN A 48 4.81 9.37 -4.10
CA GLN A 48 3.38 9.55 -3.97
C GLN A 48 3.07 10.49 -2.81
N PHE A 49 3.89 10.44 -1.76
CA PHE A 49 3.70 11.28 -0.60
C PHE A 49 4.19 12.70 -0.85
N LYS A 50 5.33 12.80 -1.54
CA LYS A 50 5.91 14.11 -1.86
C LYS A 50 5.04 14.86 -2.86
N ASN A 51 5.51 16.03 -3.29
CA ASN A 51 4.77 16.84 -4.24
C ASN A 51 5.48 16.86 -5.60
N ALA A 52 4.90 17.59 -6.55
CA ALA A 52 5.47 17.69 -7.88
C ALA A 52 6.86 18.30 -7.84
N GLN A 53 7.14 19.04 -6.78
CA GLN A 53 8.45 19.68 -6.62
C GLN A 53 9.55 18.64 -6.37
N GLY A 54 9.15 17.50 -5.81
CA GLY A 54 10.10 16.44 -5.54
C GLY A 54 10.60 16.48 -4.10
N GLU A 55 9.74 16.90 -3.19
CA GLU A 55 10.10 16.98 -1.78
C GLU A 55 9.00 16.37 -0.89
N LEU A 56 9.35 15.33 -0.16
CA LEU A 56 8.40 14.66 0.73
C LEU A 56 7.81 15.64 1.72
N GLU A 57 6.55 16.01 1.50
CA GLU A 57 5.86 16.95 2.38
C GLU A 57 5.60 16.31 3.74
N ILE A 58 5.66 14.99 3.80
CA ILE A 58 5.43 14.26 5.04
C ILE A 58 6.72 13.62 5.55
N GLN A 59 6.70 13.15 6.79
CA GLN A 59 7.86 12.51 7.39
C GLN A 59 7.45 11.52 8.48
N VAL A 60 8.43 10.84 9.06
CA VAL A 60 8.16 9.87 10.11
C VAL A 60 7.29 10.47 11.21
N GLY A 61 6.16 9.83 11.46
CA GLY A 61 5.25 10.31 12.49
C GLY A 61 4.08 11.09 11.91
N ASP A 62 4.21 11.50 10.65
CA ASP A 62 3.16 12.27 9.99
C ASP A 62 2.05 11.35 9.50
N GLU A 63 0.84 11.58 10.00
CA GLU A 63 -0.31 10.77 9.62
C GLU A 63 -0.64 10.97 8.14
N VAL A 64 -0.55 9.89 7.37
CA VAL A 64 -0.84 9.94 5.94
C VAL A 64 -1.95 8.97 5.58
N ASP A 65 -2.51 9.14 4.38
CA ASP A 65 -3.58 8.27 3.91
C ASP A 65 -3.07 7.30 2.85
N VAL A 66 -3.33 6.02 3.05
CA VAL A 66 -2.89 4.99 2.11
C VAL A 66 -4.08 4.32 1.44
N ALA A 67 -3.98 4.14 0.12
CA ALA A 67 -5.05 3.51 -0.64
C ALA A 67 -5.09 2.00 -0.39
N LEU A 68 -6.22 1.52 0.13
CA LEU A 68 -6.39 0.11 0.42
C LEU A 68 -6.14 -0.74 -0.83
N ASP A 69 -5.59 -1.93 -0.64
CA ASP A 69 -5.31 -2.84 -1.74
C ASP A 69 -5.61 -4.28 -1.35
N ALA A 70 -5.41 -5.19 -2.30
CA ALA A 70 -5.67 -6.61 -2.06
C ALA A 70 -4.40 -7.43 -2.23
N VAL A 71 -3.97 -8.07 -1.15
CA VAL A 71 -2.76 -8.88 -1.17
C VAL A 71 -3.10 -10.36 -1.36
N GLU A 72 -2.07 -11.21 -1.34
CA GLU A 72 -2.28 -12.64 -1.50
C GLU A 72 -2.01 -13.38 -0.20
N ASP A 73 -2.16 -14.71 -0.23
CA ASP A 73 -1.95 -15.53 0.95
C ASP A 73 -0.71 -16.42 0.77
N GLY A 74 -0.37 -17.16 1.82
CA GLY A 74 0.78 -18.04 1.75
C GLY A 74 0.48 -19.43 2.30
N PHE A 75 1.28 -20.41 1.89
CA PHE A 75 1.09 -21.78 2.33
C PHE A 75 2.44 -22.46 2.59
N GLY A 76 2.63 -22.93 3.82
CA GLY A 76 3.87 -23.59 4.17
C GLY A 76 3.65 -24.93 4.85
N GLU A 77 3.49 -25.98 4.05
CA GLU A 77 3.26 -27.32 4.59
C GLU A 77 4.51 -28.19 4.42
N THR A 78 4.73 -29.09 5.37
CA THR A 78 5.89 -29.98 5.32
C THR A 78 5.53 -31.36 5.87
N LEU A 79 6.42 -32.32 5.64
CA LEU A 79 6.19 -33.68 6.11
C LEU A 79 7.44 -34.54 5.89
N LEU A 80 7.89 -35.21 6.95
CA LEU A 80 9.06 -36.07 6.87
C LEU A 80 8.76 -37.46 7.41
N SER A 81 9.77 -38.32 7.41
CA SER A 81 9.61 -39.69 7.89
C SER A 81 10.97 -40.34 8.13
N ARG A 82 11.04 -41.19 9.14
CA ARG A 82 12.28 -41.89 9.47
C ARG A 82 12.33 -43.26 8.81
N GLU A 83 11.15 -43.86 8.61
CA GLU A 83 11.07 -45.17 7.98
C GLU A 83 11.35 -45.09 6.49
N LYS A 84 10.96 -43.97 5.87
CA LYS A 84 11.17 -43.77 4.45
C LYS A 84 12.66 -43.63 4.14
N ALA A 85 13.42 -43.15 5.12
CA ALA A 85 14.86 -42.98 4.94
C ALA A 85 15.56 -44.31 4.81
N LYS A 86 16.75 -44.30 4.21
CA LYS A 86 17.53 -45.52 4.02
C LYS A 86 18.98 -45.31 4.45
N ARG A 87 19.33 -45.84 5.61
CA ARG A 87 20.69 -45.71 6.13
C ARG A 87 21.71 -46.29 5.15
N HIS A 88 22.98 -46.26 5.53
CA HIS A 88 24.04 -46.78 4.69
C HIS A 88 23.75 -48.22 4.27
N GLU A 89 23.64 -49.11 5.26
CA GLU A 89 23.36 -50.52 4.99
C GLU A 89 22.59 -51.14 6.15
N ALA A 90 22.24 -52.42 6.00
CA ALA A 90 21.51 -53.13 7.03
C ALA A 90 22.21 -54.45 7.40
N TRP A 91 22.07 -55.44 6.53
CA TRP A 91 22.70 -56.74 6.77
C TRP A 91 22.28 -57.30 8.12
N ILE A 92 21.10 -56.91 8.58
CA ILE A 92 20.59 -57.38 9.86
C ILE A 92 21.45 -56.87 11.01
N THR A 93 21.67 -55.56 11.04
CA THR A 93 22.47 -54.93 12.09
C THR A 93 22.49 -53.42 11.94
N LEU A 94 22.81 -52.73 13.02
CA LEU A 94 22.88 -51.26 13.01
C LEU A 94 24.28 -50.77 13.34
N GLU A 95 25.01 -51.56 14.13
CA GLU A 95 26.36 -51.20 14.51
C GLU A 95 27.14 -52.43 14.99
N LYS A 96 28.42 -52.24 15.31
CA LYS A 96 29.26 -53.33 15.77
C LYS A 96 29.00 -53.62 17.25
N GLY A 1 -8.54 38.32 -2.64
CA GLY A 1 -8.52 36.89 -2.45
C GLY A 1 -7.90 36.14 -3.61
N ILE A 2 -7.44 34.92 -3.36
CA ILE A 2 -6.83 34.11 -4.40
C ILE A 2 -7.47 32.73 -4.48
N ASP A 3 -8.70 32.63 -4.00
CA ASP A 3 -9.43 31.37 -4.01
C ASP A 3 -10.92 31.60 -4.24
N PRO A 4 -11.27 32.05 -5.45
CA PRO A 4 -12.66 32.33 -5.83
C PRO A 4 -13.49 31.05 -5.94
N PHE A 5 -12.82 29.90 -5.86
CA PHE A 5 -13.50 28.61 -5.95
C PHE A 5 -13.38 27.84 -4.65
N THR A 6 -12.17 27.79 -4.11
CA THR A 6 -11.93 27.09 -2.85
C THR A 6 -12.47 25.66 -2.91
N GLU A 7 -12.51 25.09 -4.11
CA GLU A 7 -13.02 23.74 -4.31
C GLU A 7 -12.00 22.71 -3.84
N SER A 8 -12.43 21.46 -3.73
CA SER A 8 -11.55 20.38 -3.28
C SER A 8 -11.62 19.21 -4.25
N LEU A 9 -10.48 18.87 -4.84
CA LEU A 9 -10.40 17.77 -5.79
C LEU A 9 -10.21 16.44 -5.07
N LYS A 10 -9.64 16.51 -3.87
CA LYS A 10 -9.41 15.32 -3.06
C LYS A 10 -10.63 14.98 -2.21
N GLU A 11 -11.76 14.76 -2.87
CA GLU A 11 -13.00 14.43 -2.17
C GLU A 11 -13.63 13.16 -2.73
N ILE A 12 -14.37 12.45 -1.89
CA ILE A 12 -15.02 11.21 -2.32
C ILE A 12 -16.54 11.34 -2.24
N GLU A 13 -17.13 11.95 -3.28
CA GLU A 13 -18.57 12.13 -3.34
C GLU A 13 -19.20 11.21 -4.39
N THR A 14 -18.39 10.78 -5.35
CA THR A 14 -18.85 9.90 -6.41
C THR A 14 -18.20 8.53 -6.34
N ARG A 15 -18.98 7.51 -6.01
CA ARG A 15 -18.48 6.16 -5.89
C ARG A 15 -17.45 6.06 -4.78
N PRO A 16 -17.21 4.82 -4.30
CA PRO A 16 -16.24 4.56 -3.23
C PRO A 16 -14.80 4.77 -3.68
N GLY A 17 -13.94 5.15 -2.74
CA GLY A 17 -12.54 5.38 -3.06
C GLY A 17 -11.63 4.32 -2.48
N SER A 18 -12.12 3.62 -1.46
CA SER A 18 -11.33 2.57 -0.82
C SER A 18 -9.98 3.10 -0.36
N ILE A 19 -10.01 4.11 0.51
CA ILE A 19 -8.79 4.71 1.01
C ILE A 19 -8.72 4.61 2.53
N VAL A 20 -7.69 3.94 3.03
CA VAL A 20 -7.51 3.77 4.47
C VAL A 20 -6.56 4.83 5.04
N ARG A 21 -6.85 5.28 6.25
CA ARG A 21 -6.03 6.30 6.89
C ARG A 21 -5.03 5.65 7.85
N GLY A 22 -3.75 5.75 7.51
CA GLY A 22 -2.71 5.18 8.35
C GLY A 22 -1.74 6.22 8.86
N VAL A 23 -0.53 5.78 9.22
CA VAL A 23 0.50 6.68 9.72
C VAL A 23 1.88 6.19 9.35
N VAL A 24 2.77 7.14 9.02
CA VAL A 24 4.14 6.80 8.65
C VAL A 24 4.88 6.13 9.80
N VAL A 25 5.23 4.87 9.61
CA VAL A 25 5.95 4.11 10.63
C VAL A 25 7.46 4.19 10.41
N ALA A 26 7.86 4.53 9.20
CA ALA A 26 9.27 4.65 8.87
C ALA A 26 9.47 5.31 7.50
N ILE A 27 10.51 6.12 7.38
CA ILE A 27 10.80 6.81 6.12
C ILE A 27 12.10 6.28 5.51
N ASP A 28 11.96 5.35 4.58
CA ASP A 28 13.11 4.76 3.91
C ASP A 28 13.92 5.84 3.18
N LYS A 29 14.98 5.42 2.50
CA LYS A 29 15.83 6.35 1.77
C LYS A 29 15.25 6.65 0.40
N ASP A 30 14.43 5.74 -0.12
CA ASP A 30 13.81 5.91 -1.43
C ASP A 30 12.30 5.75 -1.33
N VAL A 31 11.86 4.86 -0.44
CA VAL A 31 10.43 4.61 -0.25
C VAL A 31 9.98 5.07 1.13
N VAL A 32 8.70 4.86 1.42
CA VAL A 32 8.13 5.26 2.70
C VAL A 32 7.21 4.17 3.25
N LEU A 33 7.40 3.81 4.51
CA LEU A 33 6.58 2.79 5.15
C LEU A 33 5.42 3.41 5.92
N VAL A 34 4.24 2.82 5.79
CA VAL A 34 3.05 3.32 6.46
C VAL A 34 2.26 2.18 7.09
N ASP A 35 1.56 2.49 8.19
CA ASP A 35 0.77 1.49 8.89
C ASP A 35 -0.72 1.78 8.74
N ALA A 36 -1.40 0.98 7.94
CA ALA A 36 -2.83 1.15 7.72
C ALA A 36 -3.65 0.15 8.54
N GLY A 37 -3.05 -0.34 9.62
CA GLY A 37 -3.73 -1.29 10.48
C GLY A 37 -3.45 -2.73 10.09
N LEU A 38 -2.17 -3.08 10.02
CA LEU A 38 -1.78 -4.44 9.66
C LEU A 38 -0.40 -4.78 10.24
N LYS A 39 0.01 -6.04 10.09
CA LYS A 39 1.29 -6.49 10.59
C LYS A 39 2.41 -6.13 9.61
N SER A 40 2.13 -6.26 8.32
CA SER A 40 3.10 -5.95 7.29
C SER A 40 2.97 -4.51 6.82
N GLU A 41 3.98 -3.70 7.13
CA GLU A 41 3.97 -2.29 6.74
C GLU A 41 3.69 -2.14 5.25
N SER A 42 2.67 -1.35 4.92
CA SER A 42 2.30 -1.12 3.53
C SER A 42 3.38 -0.36 2.79
N ALA A 43 4.01 -1.01 1.82
CA ALA A 43 5.07 -0.38 1.04
C ALA A 43 4.50 0.69 0.10
N ILE A 44 5.01 1.91 0.23
CA ILE A 44 4.55 3.02 -0.59
C ILE A 44 5.72 3.90 -1.03
N PRO A 45 5.76 4.24 -2.33
CA PRO A 45 6.82 5.07 -2.89
C PRO A 45 6.73 6.52 -2.42
N ALA A 46 7.83 7.05 -1.92
CA ALA A 46 7.88 8.42 -1.43
C ALA A 46 7.43 9.41 -2.52
N GLU A 47 7.68 9.04 -3.77
CA GLU A 47 7.30 9.90 -4.90
C GLU A 47 5.80 10.18 -4.88
N GLN A 48 5.04 9.30 -4.24
CA GLN A 48 3.59 9.46 -4.16
C GLN A 48 3.22 10.41 -3.01
N PHE A 49 4.01 10.38 -1.95
CA PHE A 49 3.76 11.23 -0.79
C PHE A 49 4.23 12.65 -1.05
N LYS A 50 5.38 12.78 -1.69
CA LYS A 50 5.94 14.09 -2.01
C LYS A 50 5.13 14.78 -3.10
N ASN A 51 5.45 16.05 -3.37
CA ASN A 51 4.76 16.82 -4.38
C ASN A 51 5.65 17.07 -5.58
N ALA A 52 5.21 17.96 -6.47
CA ALA A 52 5.98 18.30 -7.66
C ALA A 52 7.37 18.79 -7.30
N GLN A 53 7.50 19.37 -6.11
CA GLN A 53 8.79 19.88 -5.64
C GLN A 53 9.75 18.74 -5.38
N GLY A 54 9.24 17.52 -5.34
CA GLY A 54 10.07 16.36 -5.11
C GLY A 54 10.45 16.21 -3.64
N GLU A 55 9.95 17.12 -2.81
CA GLU A 55 10.23 17.09 -1.38
C GLU A 55 9.11 16.42 -0.61
N LEU A 56 9.42 15.29 0.04
CA LEU A 56 8.43 14.56 0.81
C LEU A 56 7.70 15.47 1.78
N GLU A 57 6.43 15.73 1.50
CA GLU A 57 5.62 16.60 2.35
C GLU A 57 5.35 15.93 3.69
N ILE A 58 5.53 14.62 3.75
CA ILE A 58 5.32 13.87 4.98
C ILE A 58 6.63 13.35 5.54
N GLN A 59 6.59 12.88 6.78
CA GLN A 59 7.78 12.34 7.44
C GLN A 59 7.40 11.33 8.52
N VAL A 60 8.41 10.75 9.15
CA VAL A 60 8.18 9.75 10.20
C VAL A 60 7.32 10.32 11.31
N GLY A 61 6.21 9.65 11.60
CA GLY A 61 5.32 10.11 12.66
C GLY A 61 4.13 10.86 12.11
N ASP A 62 4.23 11.29 10.85
CA ASP A 62 3.14 12.03 10.22
C ASP A 62 2.07 11.09 9.69
N GLU A 63 0.81 11.43 9.94
CA GLU A 63 -0.31 10.60 9.48
C GLU A 63 -0.52 10.74 7.98
N VAL A 64 -0.46 9.62 7.27
CA VAL A 64 -0.64 9.63 5.83
C VAL A 64 -1.73 8.65 5.41
N ASP A 65 -2.50 9.01 4.38
CA ASP A 65 -3.57 8.16 3.89
C ASP A 65 -3.06 7.22 2.80
N VAL A 66 -3.34 5.93 2.96
CA VAL A 66 -2.92 4.93 2.01
C VAL A 66 -4.11 4.27 1.33
N ALA A 67 -3.95 3.96 0.05
CA ALA A 67 -5.02 3.31 -0.72
C ALA A 67 -5.17 1.85 -0.33
N LEU A 68 -6.39 1.46 0.03
CA LEU A 68 -6.67 0.09 0.42
C LEU A 68 -6.39 -0.88 -0.73
N ASP A 69 -6.33 -0.34 -1.94
CA ASP A 69 -6.07 -1.15 -3.13
C ASP A 69 -5.48 -0.29 -4.25
N ALA A 70 -4.27 -0.64 -4.66
CA ALA A 70 -3.58 0.08 -5.72
C ALA A 70 -3.42 -0.78 -6.96
N VAL A 71 -4.32 -1.75 -7.12
CA VAL A 71 -4.27 -2.65 -8.27
C VAL A 71 -5.62 -3.32 -8.50
N GLU A 72 -6.02 -3.44 -9.75
CA GLU A 72 -7.30 -4.07 -10.09
C GLU A 72 -7.21 -5.58 -9.95
N ASP A 73 -8.36 -6.25 -9.98
CA ASP A 73 -8.40 -7.70 -9.86
C ASP A 73 -7.59 -8.37 -10.96
N GLY A 74 -7.21 -9.62 -10.73
CA GLY A 74 -6.42 -10.35 -11.71
C GLY A 74 -6.03 -11.73 -11.22
N PHE A 75 -6.44 -12.75 -11.98
CA PHE A 75 -6.13 -14.13 -11.62
C PHE A 75 -5.82 -14.96 -12.86
N GLY A 76 -4.64 -15.57 -12.88
CA GLY A 76 -4.24 -16.38 -14.02
C GLY A 76 -3.12 -17.35 -13.68
N GLU A 77 -3.47 -18.63 -13.58
CA GLU A 77 -2.48 -19.65 -13.26
C GLU A 77 -1.57 -19.94 -14.45
N THR A 78 -0.39 -20.47 -14.18
CA THR A 78 0.56 -20.79 -15.23
C THR A 78 1.23 -22.14 -14.98
N LEU A 79 2.14 -22.53 -15.87
CA LEU A 79 2.84 -23.80 -15.74
C LEU A 79 4.26 -23.57 -15.24
N LEU A 80 4.45 -22.53 -14.45
CA LEU A 80 5.77 -22.20 -13.90
C LEU A 80 5.66 -21.86 -12.42
N SER A 81 6.73 -22.12 -11.68
CA SER A 81 6.76 -21.83 -10.25
C SER A 81 8.16 -21.42 -9.81
N ARG A 82 8.23 -20.34 -9.04
CA ARG A 82 9.51 -19.82 -8.55
C ARG A 82 9.76 -20.27 -7.11
N GLU A 83 8.68 -20.48 -6.37
CA GLU A 83 8.78 -20.91 -4.98
C GLU A 83 9.27 -22.36 -4.89
N LYS A 84 8.95 -23.14 -5.91
CA LYS A 84 9.35 -24.55 -5.94
C LYS A 84 10.86 -24.67 -6.19
N ALA A 85 11.36 -23.94 -7.16
CA ALA A 85 12.78 -23.96 -7.49
C ALA A 85 13.62 -23.63 -6.28
N LYS A 86 14.58 -24.50 -5.96
CA LYS A 86 15.46 -24.29 -4.82
C LYS A 86 16.87 -24.76 -5.14
N ARG A 87 17.86 -23.92 -4.80
CA ARG A 87 19.26 -24.25 -5.06
C ARG A 87 20.02 -24.43 -3.74
N HIS A 88 21.30 -24.76 -3.85
CA HIS A 88 22.13 -24.96 -2.67
C HIS A 88 23.07 -23.77 -2.46
N GLU A 89 23.20 -23.36 -1.20
CA GLU A 89 24.06 -22.23 -0.86
C GLU A 89 25.49 -22.45 -1.38
N ALA A 90 25.87 -21.69 -2.39
CA ALA A 90 27.20 -21.80 -2.98
C ALA A 90 27.92 -20.46 -2.94
N TRP A 91 28.57 -20.17 -1.82
CA TRP A 91 29.30 -18.92 -1.66
C TRP A 91 30.49 -19.11 -0.72
N ILE A 92 31.23 -18.03 -0.50
CA ILE A 92 32.39 -18.07 0.38
C ILE A 92 32.17 -17.23 1.63
N THR A 93 32.06 -17.89 2.77
CA THR A 93 31.84 -17.21 4.04
C THR A 93 32.20 -18.11 5.23
N LEU A 94 32.54 -17.49 6.35
CA LEU A 94 32.89 -18.23 7.55
C LEU A 94 31.86 -18.03 8.64
N GLU A 95 31.80 -18.97 9.58
CA GLU A 95 30.85 -18.89 10.69
C GLU A 95 29.43 -18.69 10.17
N LYS A 96 29.15 -19.26 9.00
CA LYS A 96 27.82 -19.14 8.39
C LYS A 96 26.81 -20.02 9.12
N GLY A 1 -35.86 42.29 14.62
CA GLY A 1 -35.35 41.59 13.45
C GLY A 1 -34.69 40.27 13.81
N ILE A 2 -34.99 39.24 13.03
CA ILE A 2 -34.41 37.91 13.27
C ILE A 2 -33.55 37.47 12.10
N ASP A 3 -32.26 37.33 12.34
CA ASP A 3 -31.32 36.91 11.29
C ASP A 3 -29.94 36.64 11.87
N PRO A 4 -29.82 35.53 12.62
CA PRO A 4 -28.56 35.13 13.24
C PRO A 4 -27.51 34.69 12.22
N PHE A 5 -27.92 33.81 11.32
CA PHE A 5 -27.02 33.30 10.28
C PHE A 5 -27.81 32.87 9.04
N THR A 6 -27.09 32.57 7.97
CA THR A 6 -27.70 32.13 6.72
C THR A 6 -27.11 30.82 6.23
N GLU A 7 -26.12 30.32 6.97
CA GLU A 7 -25.46 29.07 6.61
C GLU A 7 -26.37 27.88 6.89
N SER A 8 -25.80 26.68 6.80
CA SER A 8 -26.55 25.45 7.05
C SER A 8 -25.65 24.23 6.90
N LEU A 9 -26.25 23.05 7.09
CA LEU A 9 -25.50 21.80 6.98
C LEU A 9 -25.65 21.19 5.59
N LYS A 10 -24.57 21.20 4.83
CA LYS A 10 -24.58 20.64 3.47
C LYS A 10 -23.36 19.75 3.24
N GLU A 11 -23.28 18.65 3.99
CA GLU A 11 -22.16 17.73 3.86
C GLU A 11 -22.66 16.32 3.56
N ILE A 12 -22.14 15.72 2.50
CA ILE A 12 -22.53 14.37 2.11
C ILE A 12 -21.38 13.40 2.25
N GLU A 13 -21.63 12.27 2.90
CA GLU A 13 -20.60 11.25 3.10
C GLU A 13 -21.09 9.88 2.66
N THR A 14 -21.77 9.84 1.52
CA THR A 14 -22.30 8.59 0.99
C THR A 14 -21.71 8.27 -0.39
N ARG A 15 -20.38 8.30 -0.48
CA ARG A 15 -19.70 8.03 -1.73
C ARG A 15 -18.70 6.88 -1.56
N PRO A 16 -18.31 6.26 -2.68
CA PRO A 16 -17.36 5.14 -2.68
C PRO A 16 -15.94 5.58 -2.32
N GLY A 17 -15.00 4.66 -2.44
CA GLY A 17 -13.62 4.98 -2.13
C GLY A 17 -13.00 3.96 -1.18
N SER A 18 -11.97 3.27 -1.66
CA SER A 18 -11.28 2.27 -0.85
C SER A 18 -9.96 2.80 -0.32
N ILE A 19 -10.02 3.89 0.43
CA ILE A 19 -8.82 4.50 0.99
C ILE A 19 -8.79 4.35 2.51
N VAL A 20 -7.69 3.81 3.02
CA VAL A 20 -7.53 3.61 4.46
C VAL A 20 -6.57 4.63 5.06
N ARG A 21 -6.89 5.11 6.26
CA ARG A 21 -6.05 6.09 6.93
C ARG A 21 -5.01 5.41 7.83
N GLY A 22 -3.75 5.75 7.63
CA GLY A 22 -2.69 5.16 8.42
C GLY A 22 -1.70 6.19 8.92
N VAL A 23 -0.48 5.75 9.22
CA VAL A 23 0.57 6.63 9.71
C VAL A 23 1.95 6.12 9.32
N VAL A 24 2.81 7.04 8.92
CA VAL A 24 4.17 6.68 8.52
C VAL A 24 4.95 6.09 9.69
N VAL A 25 5.25 4.80 9.60
CA VAL A 25 5.99 4.12 10.66
C VAL A 25 7.50 4.26 10.45
N ALA A 26 7.90 4.57 9.23
CA ALA A 26 9.30 4.73 8.90
C ALA A 26 9.48 5.34 7.52
N ILE A 27 10.39 6.30 7.40
CA ILE A 27 10.66 6.96 6.13
C ILE A 27 11.94 6.44 5.50
N ASP A 28 11.80 5.48 4.60
CA ASP A 28 12.96 4.90 3.92
C ASP A 28 13.75 5.97 3.17
N LYS A 29 14.80 5.55 2.49
CA LYS A 29 15.64 6.47 1.73
C LYS A 29 15.04 6.75 0.36
N ASP A 30 14.24 5.82 -0.14
CA ASP A 30 13.60 5.96 -1.44
C ASP A 30 12.09 5.78 -1.33
N VAL A 31 11.67 4.90 -0.42
CA VAL A 31 10.25 4.63 -0.21
C VAL A 31 9.80 5.13 1.15
N VAL A 32 8.52 4.91 1.46
CA VAL A 32 7.96 5.32 2.74
C VAL A 32 7.04 4.24 3.32
N LEU A 33 7.43 3.71 4.47
CA LEU A 33 6.65 2.66 5.13
C LEU A 33 5.51 3.28 5.95
N VAL A 34 4.28 2.85 5.64
CA VAL A 34 3.11 3.36 6.34
C VAL A 34 2.31 2.21 6.96
N ASP A 35 1.65 2.50 8.08
CA ASP A 35 0.85 1.49 8.77
C ASP A 35 -0.65 1.80 8.62
N ALA A 36 -1.33 0.99 7.83
CA ALA A 36 -2.76 1.17 7.61
C ALA A 36 -3.58 0.19 8.45
N GLY A 37 -2.98 -0.29 9.53
CA GLY A 37 -3.66 -1.23 10.41
C GLY A 37 -3.35 -2.67 10.05
N LEU A 38 -2.07 -3.01 9.99
CA LEU A 38 -1.66 -4.37 9.67
C LEU A 38 -0.28 -4.67 10.25
N LYS A 39 0.11 -5.94 10.20
CA LYS A 39 1.41 -6.36 10.72
C LYS A 39 2.53 -6.03 9.74
N SER A 40 2.25 -6.19 8.45
CA SER A 40 3.22 -5.90 7.40
C SER A 40 3.06 -4.49 6.88
N GLU A 41 4.04 -3.64 7.18
CA GLU A 41 4.00 -2.25 6.72
C GLU A 41 3.73 -2.16 5.23
N SER A 42 2.71 -1.40 4.86
CA SER A 42 2.34 -1.24 3.46
C SER A 42 3.41 -0.47 2.71
N ALA A 43 4.06 -1.13 1.75
CA ALA A 43 5.10 -0.52 0.95
C ALA A 43 4.53 0.54 0.02
N ILE A 44 4.99 1.78 0.17
CA ILE A 44 4.52 2.88 -0.66
C ILE A 44 5.67 3.81 -1.05
N PRO A 45 5.73 4.17 -2.34
CA PRO A 45 6.78 5.06 -2.86
C PRO A 45 6.62 6.49 -2.36
N ALA A 46 7.71 7.08 -1.88
CA ALA A 46 7.69 8.45 -1.39
C ALA A 46 7.24 9.42 -2.47
N GLU A 47 7.39 9.02 -3.73
CA GLU A 47 6.99 9.85 -4.85
C GLU A 47 5.51 10.21 -4.77
N GLN A 48 4.74 9.36 -4.09
CA GLN A 48 3.31 9.58 -3.94
C GLN A 48 3.01 10.53 -2.79
N PHE A 49 3.83 10.44 -1.73
CA PHE A 49 3.66 11.29 -0.57
C PHE A 49 4.19 12.70 -0.83
N LYS A 50 5.34 12.77 -1.51
CA LYS A 50 5.95 14.05 -1.82
C LYS A 50 5.12 14.81 -2.85
N ASN A 51 5.63 15.97 -3.27
CA ASN A 51 4.93 16.79 -4.25
C ASN A 51 5.66 16.79 -5.58
N ALA A 52 5.13 17.53 -6.55
CA ALA A 52 5.73 17.61 -7.88
C ALA A 52 7.12 18.26 -7.81
N GLN A 53 7.36 19.02 -6.75
CA GLN A 53 8.64 19.69 -6.57
C GLN A 53 9.75 18.67 -6.29
N GLY A 54 9.37 17.52 -5.75
CA GLY A 54 10.35 16.48 -5.45
C GLY A 54 10.78 16.53 -4.00
N GLU A 55 9.86 16.86 -3.10
CA GLU A 55 10.17 16.94 -1.68
C GLU A 55 9.04 16.32 -0.85
N LEU A 56 9.39 15.33 -0.04
CA LEU A 56 8.41 14.65 0.81
C LEU A 56 7.77 15.63 1.79
N GLU A 57 6.50 15.95 1.55
CA GLU A 57 5.77 16.88 2.41
C GLU A 57 5.52 16.25 3.78
N ILE A 58 5.62 14.93 3.85
CA ILE A 58 5.40 14.22 5.10
C ILE A 58 6.68 13.56 5.59
N GLN A 59 6.67 13.08 6.83
CA GLN A 59 7.83 12.42 7.42
C GLN A 59 7.41 11.44 8.50
N VAL A 60 8.39 10.75 9.08
CA VAL A 60 8.12 9.78 10.13
C VAL A 60 7.25 10.38 11.23
N GLY A 61 6.12 9.74 11.50
CA GLY A 61 5.22 10.23 12.52
C GLY A 61 4.05 11.00 11.95
N ASP A 62 4.19 11.43 10.70
CA ASP A 62 3.13 12.19 10.04
C ASP A 62 2.02 11.27 9.55
N GLU A 63 0.81 11.50 10.05
CA GLU A 63 -0.34 10.69 9.66
C GLU A 63 -0.67 10.87 8.19
N VAL A 64 -0.55 9.79 7.42
CA VAL A 64 -0.83 9.83 5.99
C VAL A 64 -1.98 8.88 5.63
N ASP A 65 -2.47 8.99 4.40
CA ASP A 65 -3.55 8.15 3.93
C ASP A 65 -3.08 7.21 2.83
N VAL A 66 -3.27 5.91 3.05
CA VAL A 66 -2.87 4.89 2.08
C VAL A 66 -4.08 4.24 1.42
N ALA A 67 -3.94 3.91 0.14
CA ALA A 67 -5.02 3.27 -0.61
C ALA A 67 -5.15 1.80 -0.23
N LEU A 68 -6.35 1.40 0.18
CA LEU A 68 -6.61 0.02 0.56
C LEU A 68 -6.20 -0.94 -0.56
N ASP A 69 -5.32 -1.87 -0.24
CA ASP A 69 -4.85 -2.85 -1.21
C ASP A 69 -3.97 -3.91 -0.55
N ALA A 70 -3.72 -5.00 -1.26
CA ALA A 70 -2.91 -6.09 -0.74
C ALA A 70 -1.56 -6.15 -1.45
N VAL A 71 -0.48 -6.06 -0.69
CA VAL A 71 0.86 -6.11 -1.24
C VAL A 71 1.49 -7.49 -1.06
N GLU A 72 2.75 -7.63 -1.48
CA GLU A 72 3.46 -8.90 -1.36
C GLU A 72 3.39 -9.42 0.08
N ASP A 73 3.60 -10.72 0.24
CA ASP A 73 3.57 -11.35 1.55
C ASP A 73 4.80 -10.97 2.36
N GLY A 74 4.71 -11.13 3.68
CA GLY A 74 5.83 -10.80 4.54
C GLY A 74 6.48 -12.05 5.14
N PHE A 75 7.47 -11.83 6.00
CA PHE A 75 8.18 -12.93 6.64
C PHE A 75 8.27 -12.71 8.15
N GLY A 76 7.61 -13.57 8.92
CA GLY A 76 7.63 -13.46 10.35
C GLY A 76 8.81 -14.18 10.98
N GLU A 77 8.65 -15.49 11.20
CA GLU A 77 9.71 -16.28 11.81
C GLU A 77 10.46 -17.08 10.74
N THR A 78 11.76 -17.21 10.93
CA THR A 78 12.60 -17.95 9.98
C THR A 78 13.25 -19.16 10.63
N LEU A 79 13.81 -20.04 9.83
CA LEU A 79 14.46 -21.25 10.32
C LEU A 79 15.67 -20.89 11.17
N LEU A 80 15.69 -21.38 12.41
CA LEU A 80 16.80 -21.11 13.33
C LEU A 80 17.52 -22.41 13.69
N SER A 81 18.82 -22.32 13.91
CA SER A 81 19.62 -23.47 14.27
C SER A 81 19.78 -23.57 15.79
N ARG A 82 19.59 -24.78 16.31
CA ARG A 82 19.71 -25.01 17.74
C ARG A 82 20.99 -25.77 18.07
N GLU A 83 21.34 -26.73 17.22
CA GLU A 83 22.55 -27.52 17.42
C GLU A 83 23.78 -26.63 17.50
N LYS A 84 23.71 -25.48 16.83
CA LYS A 84 24.83 -24.54 16.82
C LYS A 84 25.18 -24.10 18.24
N ALA A 85 24.20 -24.14 19.13
CA ALA A 85 24.41 -23.76 20.52
C ALA A 85 25.61 -24.49 21.12
N LYS A 86 25.73 -25.78 20.80
CA LYS A 86 26.84 -26.59 21.31
C LYS A 86 26.94 -26.47 22.83
N ARG A 87 25.80 -26.40 23.49
CA ARG A 87 25.77 -26.29 24.95
C ARG A 87 25.99 -27.66 25.60
N HIS A 88 26.82 -27.67 26.64
CA HIS A 88 27.12 -28.91 27.35
C HIS A 88 26.49 -28.90 28.74
N GLU A 89 26.48 -30.06 29.39
CA GLU A 89 25.90 -30.18 30.72
C GLU A 89 26.56 -29.22 31.69
N ALA A 90 27.80 -28.82 31.38
CA ALA A 90 28.55 -27.89 32.22
C ALA A 90 28.57 -28.36 33.67
N TRP A 91 28.62 -29.67 33.86
CA TRP A 91 28.65 -30.25 35.20
C TRP A 91 29.37 -31.60 35.20
N ILE A 92 29.89 -31.98 36.36
CA ILE A 92 30.60 -33.25 36.49
C ILE A 92 30.06 -34.06 37.67
N THR A 93 30.10 -35.38 37.53
CA THR A 93 29.61 -36.27 38.59
C THR A 93 30.56 -37.45 38.77
N LEU A 94 30.59 -37.99 39.99
CA LEU A 94 31.44 -39.13 40.30
C LEU A 94 30.71 -40.12 41.21
N GLU A 95 31.34 -41.27 41.44
CA GLU A 95 30.77 -42.30 42.30
C GLU A 95 30.29 -41.71 43.61
N LYS A 96 31.20 -41.04 44.31
CA LYS A 96 30.88 -40.42 45.59
C LYS A 96 30.33 -39.01 45.40
N GLY A 1 -23.92 16.96 -32.32
CA GLY A 1 -23.55 17.05 -30.93
C GLY A 1 -22.83 15.79 -30.44
N ILE A 2 -22.25 15.86 -29.26
CA ILE A 2 -21.54 14.73 -28.68
C ILE A 2 -22.44 13.94 -27.73
N ASP A 3 -22.60 12.66 -28.01
CA ASP A 3 -23.43 11.80 -27.18
C ASP A 3 -23.26 10.34 -27.56
N PRO A 4 -22.08 9.77 -27.25
CA PRO A 4 -21.76 8.37 -27.56
C PRO A 4 -22.56 7.39 -26.71
N PHE A 5 -22.72 7.71 -25.42
CA PHE A 5 -23.46 6.86 -24.51
C PHE A 5 -24.13 7.68 -23.41
N THR A 6 -25.14 7.11 -22.78
CA THR A 6 -25.87 7.79 -21.72
C THR A 6 -26.52 6.79 -20.77
N GLU A 7 -25.76 6.31 -19.79
CA GLU A 7 -26.28 5.34 -18.83
C GLU A 7 -25.72 5.62 -17.44
N SER A 8 -26.29 4.97 -16.43
CA SER A 8 -25.86 5.16 -15.05
C SER A 8 -26.04 6.61 -14.62
N LEU A 9 -27.22 7.16 -14.87
CA LEU A 9 -27.52 8.54 -14.51
C LEU A 9 -28.01 8.63 -13.07
N LYS A 10 -28.58 7.53 -12.58
CA LYS A 10 -29.09 7.49 -11.22
C LYS A 10 -28.17 6.68 -10.31
N GLU A 11 -26.88 6.98 -10.37
CA GLU A 11 -25.89 6.27 -9.56
C GLU A 11 -24.64 7.12 -9.37
N ILE A 12 -24.01 6.99 -8.21
CA ILE A 12 -22.80 7.74 -7.90
C ILE A 12 -21.60 6.82 -7.76
N GLU A 13 -20.87 6.64 -8.86
CA GLU A 13 -19.69 5.79 -8.86
C GLU A 13 -18.42 6.60 -9.10
N THR A 14 -18.46 7.87 -8.73
CA THR A 14 -17.32 8.76 -8.90
C THR A 14 -16.55 8.92 -7.60
N ARG A 15 -15.36 9.51 -7.70
CA ARG A 15 -14.52 9.72 -6.53
C ARG A 15 -14.12 8.40 -5.90
N PRO A 16 -13.05 8.43 -5.09
CA PRO A 16 -12.53 7.24 -4.40
C PRO A 16 -13.48 6.75 -3.31
N GLY A 17 -13.01 5.78 -2.51
CA GLY A 17 -13.83 5.24 -1.44
C GLY A 17 -13.08 4.25 -0.59
N SER A 18 -12.19 3.48 -1.22
CA SER A 18 -11.41 2.47 -0.51
C SER A 18 -10.05 3.03 -0.10
N ILE A 19 -10.05 4.00 0.80
CA ILE A 19 -8.83 4.63 1.27
C ILE A 19 -8.70 4.51 2.79
N VAL A 20 -7.61 3.89 3.24
CA VAL A 20 -7.37 3.70 4.66
C VAL A 20 -6.42 4.78 5.19
N ARG A 21 -6.71 5.28 6.39
CA ARG A 21 -5.88 6.30 7.02
C ARG A 21 -4.82 5.68 7.92
N GLY A 22 -3.57 5.71 7.48
CA GLY A 22 -2.49 5.14 8.26
C GLY A 22 -1.52 6.20 8.76
N VAL A 23 -0.36 5.76 9.24
CA VAL A 23 0.64 6.68 9.75
C VAL A 23 2.05 6.20 9.38
N VAL A 24 2.90 7.15 9.00
CA VAL A 24 4.27 6.83 8.62
C VAL A 24 5.02 6.18 9.78
N VAL A 25 5.26 4.88 9.67
CA VAL A 25 5.98 4.14 10.70
C VAL A 25 7.48 4.23 10.50
N ALA A 26 7.90 4.61 9.30
CA ALA A 26 9.32 4.74 8.98
C ALA A 26 9.51 5.29 7.57
N ILE A 27 10.48 6.19 7.43
CA ILE A 27 10.77 6.79 6.13
C ILE A 27 12.06 6.24 5.54
N ASP A 28 11.93 5.29 4.62
CA ASP A 28 13.08 4.68 3.98
C ASP A 28 13.93 5.73 3.25
N LYS A 29 14.92 5.27 2.51
CA LYS A 29 15.80 6.18 1.77
C LYS A 29 15.17 6.57 0.43
N ASP A 30 14.48 5.62 -0.20
CA ASP A 30 13.83 5.88 -1.48
C ASP A 30 12.33 5.68 -1.37
N VAL A 31 11.92 4.79 -0.47
CA VAL A 31 10.51 4.49 -0.27
C VAL A 31 10.04 4.96 1.10
N VAL A 32 8.76 4.72 1.41
CA VAL A 32 8.19 5.12 2.69
C VAL A 32 7.30 4.02 3.25
N LEU A 33 7.43 3.77 4.55
CA LEU A 33 6.63 2.74 5.21
C LEU A 33 5.49 3.36 6.00
N VAL A 34 4.28 2.84 5.80
CA VAL A 34 3.11 3.36 6.49
C VAL A 34 2.29 2.22 7.11
N ASP A 35 1.66 2.49 8.23
CA ASP A 35 0.85 1.48 8.91
C ASP A 35 -0.64 1.81 8.78
N ALA A 36 -1.26 1.31 7.71
CA ALA A 36 -2.68 1.55 7.47
C ALA A 36 -3.54 0.66 8.36
N GLY A 37 -3.30 -0.65 8.31
CA GLY A 37 -4.07 -1.58 9.11
C GLY A 37 -3.89 -3.01 8.66
N LEU A 38 -2.65 -3.40 8.39
CA LEU A 38 -2.36 -4.75 7.95
C LEU A 38 -1.33 -5.42 8.85
N LYS A 39 -1.02 -6.68 8.56
CA LYS A 39 -0.04 -7.42 9.36
C LYS A 39 1.35 -6.83 9.20
N SER A 40 1.67 -6.41 7.98
CA SER A 40 2.98 -5.83 7.69
C SER A 40 2.85 -4.39 7.24
N GLU A 41 3.96 -3.65 7.26
CA GLU A 41 3.97 -2.25 6.85
C GLU A 41 3.63 -2.12 5.37
N SER A 42 2.83 -1.11 5.04
CA SER A 42 2.42 -0.87 3.67
C SER A 42 3.53 -0.17 2.89
N ALA A 43 4.06 -0.87 1.88
CA ALA A 43 5.13 -0.32 1.06
C ALA A 43 4.59 0.72 0.08
N ILE A 44 5.06 1.95 0.22
CA ILE A 44 4.63 3.04 -0.66
C ILE A 44 5.79 3.93 -1.05
N PRO A 45 5.88 4.25 -2.34
CA PRO A 45 6.95 5.12 -2.88
C PRO A 45 6.80 6.56 -2.43
N ALA A 46 7.88 7.11 -1.86
CA ALA A 46 7.86 8.49 -1.40
C ALA A 46 7.41 9.44 -2.49
N GLU A 47 7.66 9.07 -3.74
CA GLU A 47 7.28 9.89 -4.88
C GLU A 47 5.77 10.14 -4.88
N GLN A 48 5.02 9.24 -4.25
CA GLN A 48 3.57 9.36 -4.19
C GLN A 48 3.16 10.27 -3.03
N PHE A 49 3.94 10.24 -1.96
CA PHE A 49 3.65 11.05 -0.78
C PHE A 49 4.09 12.50 -1.01
N LYS A 50 5.24 12.68 -1.64
CA LYS A 50 5.77 14.00 -1.92
C LYS A 50 4.91 14.72 -2.96
N ASN A 51 5.33 15.92 -3.35
CA ASN A 51 4.61 16.71 -4.33
C ASN A 51 5.39 16.79 -5.65
N ALA A 52 4.82 17.50 -6.62
CA ALA A 52 5.46 17.65 -7.92
C ALA A 52 6.78 18.40 -7.79
N GLN A 53 6.93 19.14 -6.70
CA GLN A 53 8.14 19.91 -6.46
C GLN A 53 9.34 18.99 -6.20
N GLY A 54 9.05 17.80 -5.67
CA GLY A 54 10.10 16.85 -5.38
C GLY A 54 10.52 16.88 -3.93
N GLU A 55 9.55 17.04 -3.03
CA GLU A 55 9.82 17.10 -1.60
C GLU A 55 8.74 16.37 -0.80
N LEU A 56 9.16 15.40 -0.01
CA LEU A 56 8.23 14.62 0.80
C LEU A 56 7.50 15.52 1.80
N GLU A 57 6.22 15.76 1.54
CA GLU A 57 5.41 16.60 2.43
C GLU A 57 5.18 15.91 3.77
N ILE A 58 5.38 14.60 3.80
CA ILE A 58 5.20 13.83 5.02
C ILE A 58 6.54 13.36 5.58
N GLN A 59 6.52 12.88 6.82
CA GLN A 59 7.74 12.39 7.46
C GLN A 59 7.40 11.34 8.52
N VAL A 60 8.44 10.80 9.15
CA VAL A 60 8.26 9.78 10.18
C VAL A 60 7.47 10.34 11.37
N GLY A 61 6.31 9.74 11.63
CA GLY A 61 5.48 10.19 12.74
C GLY A 61 4.33 11.07 12.28
N ASP A 62 4.19 11.22 10.96
CA ASP A 62 3.13 12.03 10.40
C ASP A 62 2.05 11.16 9.77
N GLU A 63 0.80 11.43 10.09
CA GLU A 63 -0.33 10.66 9.55
C GLU A 63 -0.42 10.85 8.05
N VAL A 64 -0.73 9.77 7.34
CA VAL A 64 -0.87 9.80 5.89
C VAL A 64 -1.99 8.89 5.42
N ASP A 65 -2.43 9.08 4.18
CA ASP A 65 -3.50 8.27 3.60
C ASP A 65 -2.93 7.22 2.66
N VAL A 66 -3.55 6.04 2.67
CA VAL A 66 -3.12 4.94 1.82
C VAL A 66 -4.29 4.32 1.08
N ALA A 67 -4.10 4.08 -0.22
CA ALA A 67 -5.14 3.47 -1.04
C ALA A 67 -5.30 1.98 -0.73
N LEU A 68 -6.45 1.64 -0.16
CA LEU A 68 -6.73 0.24 0.20
C LEU A 68 -6.75 -0.64 -1.05
N ASP A 69 -6.90 -0.01 -2.20
CA ASP A 69 -6.94 -0.74 -3.48
C ASP A 69 -6.75 0.21 -4.65
N ALA A 70 -5.94 -0.21 -5.62
CA ALA A 70 -5.67 0.60 -6.80
C ALA A 70 -5.67 -0.25 -8.06
N VAL A 71 -6.56 0.07 -8.99
CA VAL A 71 -6.66 -0.66 -10.25
C VAL A 71 -7.10 0.25 -11.38
N GLU A 72 -6.56 0.00 -12.58
CA GLU A 72 -6.89 0.80 -13.75
C GLU A 72 -8.37 0.65 -14.11
N ASP A 73 -8.78 1.33 -15.18
CA ASP A 73 -10.16 1.27 -15.63
C ASP A 73 -10.26 1.56 -17.13
N GLY A 74 -11.02 0.74 -17.84
CA GLY A 74 -11.18 0.92 -19.28
C GLY A 74 -11.47 -0.39 -19.99
N PHE A 75 -10.97 -0.50 -21.22
CA PHE A 75 -11.18 -1.69 -22.02
C PHE A 75 -9.94 -2.02 -22.85
N GLY A 76 -9.43 -3.25 -22.68
CA GLY A 76 -8.25 -3.65 -23.42
C GLY A 76 -7.53 -4.81 -22.75
N GLU A 77 -7.85 -6.03 -23.19
CA GLU A 77 -7.23 -7.23 -22.63
C GLU A 77 -5.76 -7.31 -23.02
N THR A 78 -4.96 -7.92 -22.15
CA THR A 78 -3.52 -8.07 -22.40
C THR A 78 -3.14 -9.54 -22.54
N LEU A 79 -3.57 -10.15 -23.63
CA LEU A 79 -3.26 -11.57 -23.88
C LEU A 79 -3.22 -11.85 -25.37
N LEU A 80 -2.07 -12.32 -25.85
CA LEU A 80 -1.90 -12.64 -27.26
C LEU A 80 -1.38 -14.06 -27.44
N SER A 81 -2.16 -14.88 -28.12
CA SER A 81 -1.78 -16.28 -28.37
C SER A 81 -0.82 -16.38 -29.55
N ARG A 82 -0.38 -17.60 -29.84
CA ARG A 82 0.53 -17.83 -30.95
C ARG A 82 -0.22 -18.29 -32.19
N GLU A 83 -1.36 -18.94 -31.97
CA GLU A 83 -2.18 -19.43 -33.08
C GLU A 83 -3.10 -18.34 -33.61
N LYS A 84 -3.51 -17.43 -32.73
CA LYS A 84 -4.38 -16.33 -33.11
C LYS A 84 -3.76 -15.51 -34.24
N ALA A 85 -2.44 -15.32 -34.18
CA ALA A 85 -1.73 -14.57 -35.19
C ALA A 85 -0.25 -14.94 -35.23
N LYS A 86 0.38 -14.70 -36.38
CA LYS A 86 1.80 -15.02 -36.53
C LYS A 86 2.66 -13.77 -36.33
N ARG A 87 2.39 -12.73 -37.10
CA ARG A 87 3.13 -11.48 -36.99
C ARG A 87 2.37 -10.46 -36.16
N HIS A 88 2.44 -10.60 -34.84
CA HIS A 88 1.76 -9.69 -33.93
C HIS A 88 2.62 -8.47 -33.65
N GLU A 89 2.52 -7.46 -34.51
CA GLU A 89 3.28 -6.24 -34.35
C GLU A 89 2.42 -5.12 -33.77
N ALA A 90 1.11 -5.29 -33.88
CA ALA A 90 0.17 -4.30 -33.35
C ALA A 90 0.38 -4.08 -31.86
N TRP A 91 -0.32 -3.09 -31.30
CA TRP A 91 -0.21 -2.78 -29.89
C TRP A 91 -1.27 -1.77 -29.46
N ILE A 92 -1.50 -1.66 -28.16
CA ILE A 92 -2.49 -0.73 -27.63
C ILE A 92 -2.01 -0.11 -26.32
N THR A 93 -2.31 1.18 -26.14
CA THR A 93 -1.90 1.89 -24.94
C THR A 93 -2.93 2.96 -24.56
N LEU A 94 -2.94 3.35 -23.29
CA LEU A 94 -3.87 4.36 -22.80
C LEU A 94 -3.12 5.60 -22.33
N GLU A 95 -1.83 5.45 -22.07
CA GLU A 95 -1.01 6.55 -21.60
C GLU A 95 0.41 6.44 -22.15
N LYS A 96 0.66 7.10 -23.28
CA LYS A 96 1.97 7.08 -23.92
C LYS A 96 2.37 5.66 -24.28
N GLY A 1 1.21 38.22 19.06
CA GLY A 1 0.94 38.13 17.64
C GLY A 1 1.73 37.01 16.98
N ILE A 2 1.51 35.78 17.43
CA ILE A 2 2.19 34.62 16.88
C ILE A 2 1.25 33.75 16.06
N ASP A 3 0.17 34.36 15.58
CA ASP A 3 -0.81 33.63 14.78
C ASP A 3 -1.80 34.61 14.12
N PRO A 4 -1.32 35.35 13.12
CA PRO A 4 -2.13 36.33 12.39
C PRO A 4 -3.19 35.66 11.53
N PHE A 5 -2.83 34.55 10.90
CA PHE A 5 -3.76 33.82 10.04
C PHE A 5 -3.87 32.37 10.48
N THR A 6 -5.04 31.77 10.24
CA THR A 6 -5.28 30.39 10.61
C THR A 6 -6.17 29.69 9.60
N GLU A 7 -6.12 30.16 8.35
CA GLU A 7 -6.93 29.58 7.29
C GLU A 7 -6.11 28.59 6.45
N SER A 8 -6.79 27.90 5.53
CA SER A 8 -6.11 26.93 4.68
C SER A 8 -7.08 26.40 3.62
N LEU A 9 -6.52 25.67 2.65
CA LEU A 9 -7.33 25.11 1.57
C LEU A 9 -7.55 23.61 1.77
N LYS A 10 -8.80 23.23 2.00
CA LYS A 10 -9.15 21.83 2.20
C LYS A 10 -10.03 21.32 1.07
N GLU A 11 -9.63 21.61 -0.17
CA GLU A 11 -10.39 21.18 -1.33
C GLU A 11 -10.27 19.66 -1.52
N ILE A 12 -11.36 19.03 -1.94
CA ILE A 12 -11.37 17.59 -2.16
C ILE A 12 -11.84 17.26 -3.57
N GLU A 13 -10.94 16.67 -4.36
CA GLU A 13 -11.27 16.30 -5.74
C GLU A 13 -11.47 14.79 -5.86
N THR A 14 -10.89 14.04 -4.92
CA THR A 14 -10.99 12.59 -4.93
C THR A 14 -12.20 12.13 -4.11
N ARG A 15 -12.81 11.03 -4.55
CA ARG A 15 -13.97 10.48 -3.87
C ARG A 15 -13.58 9.29 -2.99
N PRO A 16 -14.44 8.96 -2.02
CA PRO A 16 -14.21 7.85 -1.10
C PRO A 16 -14.30 6.49 -1.79
N GLY A 17 -13.44 5.56 -1.39
CA GLY A 17 -13.46 4.23 -1.99
C GLY A 17 -12.53 3.27 -1.29
N SER A 18 -11.50 2.81 -1.99
CA SER A 18 -10.54 1.88 -1.42
C SER A 18 -9.32 2.61 -0.87
N ILE A 19 -9.53 3.39 0.18
CA ILE A 19 -8.44 4.15 0.79
C ILE A 19 -8.45 3.99 2.31
N VAL A 20 -7.32 3.58 2.86
CA VAL A 20 -7.19 3.38 4.31
C VAL A 20 -6.31 4.46 4.92
N ARG A 21 -6.67 4.90 6.13
CA ARG A 21 -5.90 5.92 6.83
C ARG A 21 -4.89 5.28 7.78
N GLY A 22 -3.61 5.61 7.59
CA GLY A 22 -2.58 5.07 8.45
C GLY A 22 -1.59 6.12 8.91
N VAL A 23 -0.41 5.67 9.35
CA VAL A 23 0.62 6.60 9.82
C VAL A 23 2.01 6.10 9.43
N VAL A 24 2.84 7.01 8.93
CA VAL A 24 4.20 6.67 8.52
C VAL A 24 5.01 6.16 9.70
N VAL A 25 5.30 4.86 9.71
CA VAL A 25 6.08 4.26 10.78
C VAL A 25 7.58 4.41 10.53
N ALA A 26 7.93 4.69 9.28
CA ALA A 26 9.33 4.86 8.90
C ALA A 26 9.46 5.44 7.51
N ILE A 27 10.43 6.33 7.32
CA ILE A 27 10.66 6.95 6.03
C ILE A 27 11.95 6.45 5.39
N ASP A 28 11.81 5.48 4.49
CA ASP A 28 12.96 4.90 3.80
C ASP A 28 13.73 5.99 3.04
N LYS A 29 14.79 5.58 2.36
CA LYS A 29 15.61 6.50 1.59
C LYS A 29 15.01 6.76 0.21
N ASP A 30 14.20 5.81 -0.26
CA ASP A 30 13.56 5.93 -1.56
C ASP A 30 12.06 5.72 -1.44
N VAL A 31 11.65 4.84 -0.52
CA VAL A 31 10.24 4.55 -0.30
C VAL A 31 9.77 5.04 1.06
N VAL A 32 8.50 4.81 1.37
CA VAL A 32 7.94 5.23 2.65
C VAL A 32 7.04 4.16 3.23
N LEU A 33 7.40 3.67 4.42
CA LEU A 33 6.63 2.64 5.10
C LEU A 33 5.53 3.25 5.95
N VAL A 34 4.28 2.87 5.66
CA VAL A 34 3.14 3.37 6.40
C VAL A 34 2.34 2.23 7.03
N ASP A 35 1.75 2.49 8.19
CA ASP A 35 0.96 1.49 8.89
C ASP A 35 -0.53 1.80 8.77
N ALA A 36 -1.23 1.04 7.93
CA ALA A 36 -2.66 1.24 7.72
C ALA A 36 -3.47 0.29 8.60
N GLY A 37 -2.85 -0.19 9.68
CA GLY A 37 -3.53 -1.10 10.58
C GLY A 37 -3.30 -2.55 10.21
N LEU A 38 -2.04 -2.94 10.13
CA LEU A 38 -1.68 -4.31 9.78
C LEU A 38 -0.31 -4.68 10.33
N LYS A 39 0.10 -5.93 10.12
CA LYS A 39 1.39 -6.40 10.60
C LYS A 39 2.51 -6.05 9.61
N SER A 40 2.19 -6.16 8.32
CA SER A 40 3.17 -5.85 7.29
C SER A 40 3.01 -4.42 6.79
N GLU A 41 3.99 -3.58 7.11
CA GLU A 41 3.95 -2.18 6.70
C GLU A 41 3.69 -2.05 5.20
N SER A 42 2.62 -1.33 4.86
CA SER A 42 2.24 -1.14 3.46
C SER A 42 3.34 -0.39 2.71
N ALA A 43 3.91 -1.05 1.70
CA ALA A 43 4.97 -0.45 0.90
C ALA A 43 4.41 0.61 -0.03
N ILE A 44 4.83 1.86 0.17
CA ILE A 44 4.37 2.96 -0.66
C ILE A 44 5.53 3.87 -1.04
N PRO A 45 5.59 4.23 -2.34
CA PRO A 45 6.64 5.11 -2.86
C PRO A 45 6.50 6.55 -2.37
N ALA A 46 7.60 7.12 -1.89
CA ALA A 46 7.60 8.49 -1.40
C ALA A 46 7.16 9.47 -2.48
N GLU A 47 7.32 9.06 -3.74
CA GLU A 47 6.93 9.91 -4.87
C GLU A 47 5.45 10.27 -4.79
N GLN A 48 4.67 9.44 -4.11
CA GLN A 48 3.24 9.67 -3.96
C GLN A 48 2.96 10.62 -2.80
N PHE A 49 3.78 10.53 -1.76
CA PHE A 49 3.62 11.39 -0.59
C PHE A 49 4.16 12.79 -0.86
N LYS A 50 5.31 12.85 -1.54
CA LYS A 50 5.94 14.13 -1.86
C LYS A 50 5.10 14.90 -2.87
N ASN A 51 5.61 16.06 -3.29
CA ASN A 51 4.92 16.89 -4.26
C ASN A 51 5.64 16.90 -5.60
N ALA A 52 5.10 17.64 -6.56
CA ALA A 52 5.70 17.73 -7.88
C ALA A 52 7.12 18.27 -7.82
N GLN A 53 7.41 19.01 -6.75
CA GLN A 53 8.74 19.59 -6.56
C GLN A 53 9.78 18.50 -6.29
N GLY A 54 9.31 17.36 -5.79
CA GLY A 54 10.21 16.26 -5.50
C GLY A 54 10.73 16.31 -4.07
N GLU A 55 9.88 16.75 -3.14
CA GLU A 55 10.26 16.84 -1.74
C GLU A 55 9.15 16.28 -0.84
N LEU A 56 9.45 15.19 -0.16
CA LEU A 56 8.48 14.56 0.74
C LEU A 56 7.90 15.58 1.72
N GLU A 57 6.61 15.87 1.56
CA GLU A 57 5.94 16.83 2.43
C GLU A 57 5.61 16.20 3.77
N ILE A 58 5.52 14.87 3.80
CA ILE A 58 5.21 14.15 5.03
C ILE A 58 6.48 13.55 5.65
N GLN A 59 6.34 13.04 6.87
CA GLN A 59 7.47 12.44 7.56
C GLN A 59 6.99 11.41 8.58
N VAL A 60 7.89 10.51 8.96
CA VAL A 60 7.56 9.46 9.93
C VAL A 60 7.03 10.06 11.23
N GLY A 61 5.89 9.57 11.69
CA GLY A 61 5.31 10.06 12.92
C GLY A 61 4.01 10.80 12.69
N ASP A 62 3.73 11.12 11.42
CA ASP A 62 2.51 11.83 11.07
C ASP A 62 1.51 10.90 10.40
N GLU A 63 0.22 11.18 10.60
CA GLU A 63 -0.84 10.35 10.02
C GLU A 63 -1.03 10.68 8.55
N VAL A 64 -0.89 9.66 7.70
CA VAL A 64 -1.06 9.84 6.26
C VAL A 64 -2.06 8.84 5.70
N ASP A 65 -2.64 9.17 4.56
CA ASP A 65 -3.62 8.31 3.91
C ASP A 65 -2.95 7.42 2.86
N VAL A 66 -3.28 6.13 2.89
CA VAL A 66 -2.71 5.17 1.96
C VAL A 66 -3.80 4.55 1.07
N ALA A 67 -3.46 4.30 -0.19
CA ALA A 67 -4.40 3.70 -1.13
C ALA A 67 -4.48 2.19 -0.95
N LEU A 68 -5.55 1.73 -0.33
CA LEU A 68 -5.74 0.30 -0.10
C LEU A 68 -5.67 -0.48 -1.41
N ASP A 69 -4.56 -1.16 -1.64
CA ASP A 69 -4.37 -1.94 -2.84
C ASP A 69 -4.66 -3.42 -2.59
N ALA A 70 -4.60 -4.23 -3.64
CA ALA A 70 -4.87 -5.65 -3.53
C ALA A 70 -3.65 -6.39 -2.97
N VAL A 71 -3.65 -6.60 -1.66
CA VAL A 71 -2.54 -7.30 -1.01
C VAL A 71 -2.94 -8.73 -0.64
N GLU A 72 -2.11 -9.68 -1.05
CA GLU A 72 -2.37 -11.09 -0.76
C GLU A 72 -2.08 -11.41 0.70
N ASP A 73 -2.19 -12.69 1.04
CA ASP A 73 -1.93 -13.13 2.41
C ASP A 73 -1.12 -14.41 2.43
N GLY A 74 -0.58 -14.75 3.60
CA GLY A 74 0.22 -15.96 3.73
C GLY A 74 -0.17 -16.79 4.92
N PHE A 75 0.49 -17.93 5.10
CA PHE A 75 0.20 -18.82 6.21
C PHE A 75 1.43 -19.00 7.10
N GLY A 76 2.61 -18.97 6.49
CA GLY A 76 3.85 -19.13 7.23
C GLY A 76 4.09 -20.57 7.64
N GLU A 77 5.21 -21.13 7.19
CA GLU A 77 5.55 -22.51 7.52
C GLU A 77 5.52 -22.74 9.02
N THR A 78 4.54 -23.49 9.49
CA THR A 78 4.39 -23.78 10.91
C THR A 78 5.53 -24.67 11.41
N LEU A 79 5.74 -24.69 12.72
CA LEU A 79 6.79 -25.49 13.31
C LEU A 79 6.23 -26.37 14.42
N LEU A 80 6.67 -27.63 14.45
CA LEU A 80 6.21 -28.58 15.47
C LEU A 80 7.40 -29.23 16.17
N SER A 81 7.20 -29.58 17.43
CA SER A 81 8.26 -30.21 18.23
C SER A 81 7.76 -31.50 18.86
N ARG A 82 8.69 -32.40 19.15
CA ARG A 82 8.35 -33.68 19.76
C ARG A 82 8.77 -33.72 21.22
N GLU A 83 9.84 -32.99 21.53
CA GLU A 83 10.35 -32.94 22.90
C GLU A 83 9.28 -32.46 23.87
N LYS A 84 8.33 -31.68 23.35
CA LYS A 84 7.24 -31.16 24.17
C LYS A 84 6.51 -32.28 24.90
N ALA A 85 6.45 -33.45 24.26
CA ALA A 85 5.79 -34.61 24.84
C ALA A 85 6.36 -34.93 26.22
N LYS A 86 5.52 -34.94 27.24
CA LYS A 86 5.95 -35.24 28.59
C LYS A 86 4.93 -36.12 29.30
N ARG A 87 5.43 -37.05 30.12
CA ARG A 87 4.55 -37.96 30.87
C ARG A 87 3.53 -37.18 31.68
N HIS A 88 2.54 -37.90 32.22
CA HIS A 88 1.50 -37.27 33.03
C HIS A 88 1.49 -37.84 34.44
N GLU A 89 0.81 -37.15 35.35
CA GLU A 89 0.73 -37.59 36.74
C GLU A 89 -0.64 -38.19 37.04
N ALA A 90 -0.92 -38.42 38.32
CA ALA A 90 -2.18 -38.99 38.74
C ALA A 90 -2.25 -39.12 40.26
N TRP A 91 -3.36 -38.69 40.84
CA TRP A 91 -3.55 -38.75 42.28
C TRP A 91 -5.01 -39.01 42.63
N ILE A 92 -5.28 -39.26 43.91
CA ILE A 92 -6.64 -39.51 44.37
C ILE A 92 -6.86 -38.94 45.77
N THR A 93 -6.81 -37.62 45.87
CA THR A 93 -7.01 -36.94 47.15
C THR A 93 -8.24 -36.03 47.10
N LEU A 94 -8.76 -35.70 48.28
CA LEU A 94 -9.93 -34.85 48.38
C LEU A 94 -9.67 -33.66 49.31
N GLU A 95 -10.73 -32.91 49.60
CA GLU A 95 -10.60 -31.74 50.47
C GLU A 95 -9.92 -32.12 51.78
N LYS A 96 -10.62 -32.90 52.61
CA LYS A 96 -10.09 -33.33 53.89
C LYS A 96 -9.42 -34.69 53.77
N GLY A 1 -49.19 20.36 -16.38
CA GLY A 1 -48.59 21.06 -15.26
C GLY A 1 -47.80 20.13 -14.36
N ILE A 2 -48.01 20.26 -13.05
CA ILE A 2 -47.32 19.43 -12.07
C ILE A 2 -45.81 19.45 -12.31
N ASP A 3 -45.16 20.47 -11.77
CA ASP A 3 -43.72 20.61 -11.91
C ASP A 3 -43.30 20.56 -13.37
N PRO A 4 -43.66 21.60 -14.14
CA PRO A 4 -43.34 21.68 -15.57
C PRO A 4 -41.86 21.89 -15.82
N PHE A 5 -41.27 22.85 -15.09
CA PHE A 5 -39.85 23.15 -15.24
C PHE A 5 -39.10 22.83 -13.95
N THR A 6 -39.84 22.72 -12.85
CA THR A 6 -39.23 22.44 -11.55
C THR A 6 -39.13 20.93 -11.32
N GLU A 7 -38.55 20.23 -12.30
CA GLU A 7 -38.40 18.78 -12.20
C GLU A 7 -37.29 18.43 -11.21
N SER A 8 -37.61 17.56 -10.26
CA SER A 8 -36.65 17.13 -9.25
C SER A 8 -36.64 15.61 -9.11
N LEU A 9 -35.58 15.09 -8.51
CA LEU A 9 -35.45 13.65 -8.31
C LEU A 9 -34.29 13.33 -7.36
N LYS A 10 -34.57 12.51 -6.36
CA LYS A 10 -33.55 12.12 -5.39
C LYS A 10 -32.73 10.93 -5.90
N GLU A 11 -32.10 11.11 -7.05
CA GLU A 11 -31.29 10.05 -7.64
C GLU A 11 -29.96 9.91 -6.92
N ILE A 12 -29.57 8.68 -6.61
CA ILE A 12 -28.32 8.42 -5.91
C ILE A 12 -27.15 8.35 -6.90
N GLU A 13 -26.25 9.32 -6.80
CA GLU A 13 -25.09 9.37 -7.68
C GLU A 13 -23.79 9.20 -6.88
N THR A 14 -23.90 8.51 -5.75
CA THR A 14 -22.73 8.27 -4.90
C THR A 14 -21.80 7.24 -5.52
N ARG A 15 -20.57 7.19 -5.01
CA ARG A 15 -19.57 6.26 -5.53
C ARG A 15 -18.82 5.57 -4.38
N PRO A 16 -18.24 4.41 -4.67
CA PRO A 16 -17.50 3.63 -3.68
C PRO A 16 -16.18 4.30 -3.29
N GLY A 17 -15.39 3.62 -2.46
CA GLY A 17 -14.11 4.17 -2.04
C GLY A 17 -13.38 3.24 -1.09
N SER A 18 -12.24 2.72 -1.53
CA SER A 18 -11.44 1.82 -0.73
C SER A 18 -10.16 2.50 -0.23
N ILE A 19 -10.32 3.44 0.70
CA ILE A 19 -9.18 4.16 1.24
C ILE A 19 -9.08 3.98 2.76
N VAL A 20 -7.86 3.90 3.26
CA VAL A 20 -7.64 3.73 4.69
C VAL A 20 -6.66 4.78 5.22
N ARG A 21 -6.92 5.24 6.44
CA ARG A 21 -6.07 6.25 7.06
C ARG A 21 -5.07 5.61 8.02
N GLY A 22 -3.78 5.72 7.68
CA GLY A 22 -2.75 5.14 8.52
C GLY A 22 -1.79 6.19 9.05
N VAL A 23 -0.51 5.82 9.18
CA VAL A 23 0.50 6.73 9.68
C VAL A 23 1.90 6.22 9.36
N VAL A 24 2.78 7.14 8.97
CA VAL A 24 4.16 6.80 8.62
C VAL A 24 4.87 6.14 9.80
N VAL A 25 5.26 4.88 9.63
CA VAL A 25 5.95 4.14 10.68
C VAL A 25 7.46 4.21 10.50
N ALA A 26 7.89 4.59 9.29
CA ALA A 26 9.32 4.69 8.99
C ALA A 26 9.54 5.23 7.58
N ILE A 27 10.41 6.21 7.46
CA ILE A 27 10.72 6.82 6.17
C ILE A 27 12.02 6.26 5.60
N ASP A 28 11.90 5.32 4.66
CA ASP A 28 13.07 4.71 4.03
C ASP A 28 13.91 5.77 3.32
N LYS A 29 14.88 5.31 2.54
CA LYS A 29 15.76 6.20 1.80
C LYS A 29 15.12 6.64 0.49
N ASP A 30 14.45 5.70 -0.18
CA ASP A 30 13.79 5.98 -1.45
C ASP A 30 12.29 5.73 -1.34
N VAL A 31 11.90 4.83 -0.44
CA VAL A 31 10.49 4.51 -0.23
C VAL A 31 10.03 4.96 1.14
N VAL A 32 8.75 4.70 1.44
CA VAL A 32 8.17 5.09 2.72
C VAL A 32 7.29 3.98 3.28
N LEU A 33 7.37 3.76 4.60
CA LEU A 33 6.57 2.73 5.24
C LEU A 33 5.43 3.35 6.03
N VAL A 34 4.22 2.85 5.79
CA VAL A 34 3.03 3.36 6.47
C VAL A 34 2.24 2.21 7.11
N ASP A 35 1.57 2.51 8.21
CA ASP A 35 0.77 1.51 8.92
C ASP A 35 -0.72 1.77 8.72
N ALA A 36 -1.32 1.01 7.82
CA ALA A 36 -2.75 1.15 7.54
C ALA A 36 -3.57 0.16 8.35
N GLY A 37 -3.00 -0.32 9.45
CA GLY A 37 -3.69 -1.28 10.30
C GLY A 37 -3.42 -2.71 9.89
N LEU A 38 -2.15 -3.09 9.87
CA LEU A 38 -1.77 -4.44 9.48
C LEU A 38 -0.43 -4.83 10.11
N LYS A 39 -0.05 -6.10 9.96
CA LYS A 39 1.20 -6.59 10.50
C LYS A 39 2.37 -6.22 9.59
N SER A 40 2.15 -6.31 8.28
CA SER A 40 3.18 -5.99 7.30
C SER A 40 3.04 -4.56 6.82
N GLU A 41 4.02 -3.73 7.16
CA GLU A 41 4.02 -2.32 6.75
C GLU A 41 3.78 -2.20 5.25
N SER A 42 2.70 -1.51 4.89
CA SER A 42 2.36 -1.32 3.49
C SER A 42 3.43 -0.49 2.77
N ALA A 43 4.12 -1.12 1.83
CA ALA A 43 5.17 -0.45 1.07
C ALA A 43 4.58 0.60 0.13
N ILE A 44 5.06 1.83 0.26
CA ILE A 44 4.58 2.92 -0.58
C ILE A 44 5.73 3.83 -1.01
N PRO A 45 5.77 4.16 -2.32
CA PRO A 45 6.81 5.02 -2.88
C PRO A 45 6.68 6.47 -2.41
N ALA A 46 7.75 7.01 -1.86
CA ALA A 46 7.76 8.38 -1.37
C ALA A 46 7.31 9.35 -2.46
N GLU A 47 7.58 9.00 -3.72
CA GLU A 47 7.21 9.83 -4.85
C GLU A 47 5.70 10.15 -4.82
N GLN A 48 4.94 9.25 -4.19
CA GLN A 48 3.50 9.43 -4.10
C GLN A 48 3.13 10.31 -2.91
N PHE A 49 3.99 10.32 -1.91
CA PHE A 49 3.77 11.12 -0.70
C PHE A 49 4.24 12.56 -0.92
N LYS A 50 5.38 12.71 -1.57
CA LYS A 50 5.94 14.03 -1.84
C LYS A 50 5.04 14.83 -2.78
N ASN A 51 5.46 16.04 -3.12
CA ASN A 51 4.69 16.90 -4.00
C ASN A 51 5.38 17.05 -5.36
N ALA A 52 4.76 17.82 -6.24
CA ALA A 52 5.32 18.04 -7.57
C ALA A 52 6.72 18.64 -7.50
N GLN A 53 7.02 19.28 -6.36
CA GLN A 53 8.32 19.90 -6.17
C GLN A 53 9.42 18.85 -6.06
N GLY A 54 9.03 17.64 -5.68
CA GLY A 54 9.99 16.56 -5.55
C GLY A 54 10.40 16.31 -4.10
N GLU A 55 10.02 17.24 -3.22
CA GLU A 55 10.34 17.12 -1.81
C GLU A 55 9.21 16.46 -1.04
N LEU A 56 9.57 15.57 -0.11
CA LEU A 56 8.57 14.87 0.70
C LEU A 56 7.89 15.82 1.67
N GLU A 57 6.60 16.04 1.47
CA GLU A 57 5.83 16.92 2.34
C GLU A 57 5.58 16.28 3.69
N ILE A 58 5.63 14.95 3.72
CA ILE A 58 5.40 14.21 4.95
C ILE A 58 6.69 13.61 5.48
N GLN A 59 6.66 13.13 6.72
CA GLN A 59 7.84 12.53 7.34
C GLN A 59 7.43 11.53 8.42
N VAL A 60 8.43 10.88 9.02
CA VAL A 60 8.17 9.90 10.07
C VAL A 60 7.31 10.49 11.18
N GLY A 61 6.17 9.86 11.44
CA GLY A 61 5.27 10.33 12.48
C GLY A 61 4.11 11.12 11.92
N ASP A 62 4.20 11.48 10.65
CA ASP A 62 3.14 12.25 9.99
C ASP A 62 2.06 11.33 9.45
N GLU A 63 0.81 11.59 9.83
CA GLU A 63 -0.32 10.78 9.38
C GLU A 63 -0.52 10.91 7.88
N VAL A 64 -0.51 9.78 7.18
CA VAL A 64 -0.69 9.77 5.74
C VAL A 64 -1.82 8.82 5.34
N ASP A 65 -2.47 9.12 4.23
CA ASP A 65 -3.57 8.30 3.74
C ASP A 65 -3.06 7.29 2.71
N VAL A 66 -3.41 6.01 2.92
CA VAL A 66 -2.99 4.95 2.02
C VAL A 66 -4.20 4.31 1.32
N ALA A 67 -4.05 4.05 0.03
CA ALA A 67 -5.13 3.44 -0.75
C ALA A 67 -5.25 1.95 -0.44
N LEU A 68 -6.37 1.57 0.16
CA LEU A 68 -6.61 0.16 0.51
C LEU A 68 -6.42 -0.73 -0.72
N ASP A 69 -5.52 -1.70 -0.59
CA ASP A 69 -5.25 -2.64 -1.68
C ASP A 69 -5.20 -4.07 -1.17
N ALA A 70 -5.67 -5.01 -1.99
CA ALA A 70 -5.68 -6.41 -1.62
C ALA A 70 -4.47 -7.14 -2.21
N VAL A 71 -3.72 -7.81 -1.35
CA VAL A 71 -2.53 -8.55 -1.77
C VAL A 71 -2.37 -9.83 -0.97
N GLU A 72 -1.96 -10.90 -1.65
CA GLU A 72 -1.75 -12.19 -0.99
C GLU A 72 -0.28 -12.59 -1.01
N ASP A 73 0.11 -13.39 -0.03
CA ASP A 73 1.50 -13.84 0.07
C ASP A 73 1.58 -15.22 0.71
N GLY A 74 2.61 -15.97 0.37
CA GLY A 74 2.78 -17.31 0.92
C GLY A 74 4.21 -17.80 0.81
N PHE A 75 4.52 -18.85 1.56
CA PHE A 75 5.87 -19.43 1.54
C PHE A 75 5.82 -20.94 1.75
N GLY A 76 6.45 -21.67 0.84
CA GLY A 76 6.47 -23.12 0.94
C GLY A 76 7.87 -23.70 0.84
N GLU A 77 8.47 -23.59 -0.34
CA GLU A 77 9.81 -24.11 -0.57
C GLU A 77 10.78 -23.58 0.49
N THR A 78 11.86 -24.31 0.70
CA THR A 78 12.87 -23.92 1.69
C THR A 78 14.26 -24.38 1.27
N LEU A 79 15.28 -23.85 1.93
CA LEU A 79 16.66 -24.21 1.62
C LEU A 79 17.10 -25.42 2.44
N LEU A 80 17.06 -26.59 1.83
CA LEU A 80 17.45 -27.83 2.50
C LEU A 80 18.64 -28.47 1.80
N SER A 81 19.83 -28.26 2.36
CA SER A 81 21.06 -28.80 1.80
C SER A 81 21.70 -29.81 2.75
N ARG A 82 21.46 -29.61 4.05
CA ARG A 82 22.01 -30.50 5.07
C ARG A 82 21.69 -31.95 4.76
N GLU A 83 20.56 -32.17 4.09
CA GLU A 83 20.14 -33.52 3.74
C GLU A 83 21.06 -34.12 2.67
N LYS A 84 21.18 -33.42 1.54
CA LYS A 84 22.03 -33.88 0.45
C LYS A 84 23.48 -33.98 0.89
N ALA A 85 23.96 -32.94 1.57
CA ALA A 85 25.33 -32.91 2.05
C ALA A 85 26.32 -32.87 0.90
N LYS A 86 25.81 -32.61 -0.30
CA LYS A 86 26.65 -32.55 -1.49
C LYS A 86 27.59 -31.34 -1.43
N ARG A 87 28.50 -31.25 -2.40
CA ARG A 87 29.45 -30.15 -2.46
C ARG A 87 29.96 -29.95 -3.88
N HIS A 88 30.01 -28.70 -4.31
CA HIS A 88 30.48 -28.37 -5.65
C HIS A 88 31.92 -27.87 -5.61
N GLU A 89 32.62 -27.99 -6.74
CA GLU A 89 34.01 -27.55 -6.83
C GLU A 89 34.14 -26.07 -6.46
N ALA A 90 35.26 -25.72 -5.84
CA ALA A 90 35.51 -24.34 -5.43
C ALA A 90 37.00 -24.05 -5.38
N TRP A 91 37.47 -23.18 -6.25
CA TRP A 91 38.88 -22.82 -6.30
C TRP A 91 39.05 -21.31 -6.48
N ILE A 92 40.11 -20.76 -5.89
CA ILE A 92 40.39 -19.33 -5.99
C ILE A 92 41.22 -19.01 -7.23
N THR A 93 41.79 -20.05 -7.84
CA THR A 93 42.61 -19.88 -9.02
C THR A 93 41.91 -20.43 -10.26
N LEU A 94 42.29 -19.91 -11.43
CA LEU A 94 41.69 -20.34 -12.68
C LEU A 94 42.77 -20.73 -13.69
N GLU A 95 43.43 -19.73 -14.26
CA GLU A 95 44.48 -19.97 -15.25
C GLU A 95 45.85 -19.99 -14.57
N LYS A 96 46.27 -18.84 -14.06
CA LYS A 96 47.56 -18.72 -13.39
C LYS A 96 47.65 -19.67 -12.21
N GLY A 1 -33.38 45.11 -8.67
CA GLY A 1 -32.86 45.09 -10.03
C GLY A 1 -33.30 43.86 -10.79
N ILE A 2 -32.34 43.17 -11.40
CA ILE A 2 -32.63 41.97 -12.17
C ILE A 2 -32.41 40.70 -11.33
N ASP A 3 -33.47 39.94 -11.13
CA ASP A 3 -33.38 38.71 -10.35
C ASP A 3 -34.67 37.89 -10.47
N PRO A 4 -34.92 37.35 -11.66
CA PRO A 4 -36.11 36.56 -11.94
C PRO A 4 -36.09 35.20 -11.24
N PHE A 5 -34.92 34.56 -11.26
CA PHE A 5 -34.76 33.26 -10.62
C PHE A 5 -33.32 33.08 -10.13
N THR A 6 -33.16 32.22 -9.13
CA THR A 6 -31.84 31.95 -8.55
C THR A 6 -31.83 30.63 -7.80
N GLU A 7 -31.57 29.55 -8.53
CA GLU A 7 -31.53 28.22 -7.93
C GLU A 7 -30.08 27.80 -7.65
N SER A 8 -29.92 26.79 -6.79
CA SER A 8 -28.60 26.30 -6.43
C SER A 8 -28.69 24.95 -5.74
N LEU A 9 -27.74 24.07 -6.02
CA LEU A 9 -27.71 22.74 -5.42
C LEU A 9 -26.41 22.51 -4.65
N LYS A 10 -26.54 22.29 -3.34
CA LYS A 10 -25.38 22.06 -2.49
C LYS A 10 -25.39 20.63 -1.94
N GLU A 11 -25.80 19.68 -2.77
CA GLU A 11 -25.86 18.29 -2.36
C GLU A 11 -24.58 17.55 -2.76
N ILE A 12 -23.99 16.84 -1.80
CA ILE A 12 -22.76 16.09 -2.04
C ILE A 12 -23.05 14.79 -2.78
N GLU A 13 -22.53 14.67 -4.00
CA GLU A 13 -22.72 13.47 -4.80
C GLU A 13 -21.40 12.79 -5.10
N THR A 14 -20.46 12.89 -4.17
CA THR A 14 -19.15 12.28 -4.33
C THR A 14 -18.60 11.77 -3.00
N ARG A 15 -18.01 10.59 -3.02
CA ARG A 15 -17.45 9.99 -1.82
C ARG A 15 -16.25 9.11 -2.16
N PRO A 16 -15.41 8.84 -1.14
CA PRO A 16 -14.21 8.02 -1.31
C PRO A 16 -14.54 6.55 -1.55
N GLY A 17 -13.67 5.87 -2.29
CA GLY A 17 -13.89 4.46 -2.58
C GLY A 17 -13.00 3.55 -1.76
N SER A 18 -11.75 3.40 -2.20
CA SER A 18 -10.80 2.55 -1.50
C SER A 18 -9.64 3.37 -0.93
N ILE A 19 -9.92 4.12 0.13
CA ILE A 19 -8.90 4.95 0.76
C ILE A 19 -8.89 4.76 2.27
N VAL A 20 -7.80 4.21 2.78
CA VAL A 20 -7.67 3.97 4.22
C VAL A 20 -6.64 4.92 4.84
N ARG A 21 -6.90 5.34 6.08
CA ARG A 21 -6.01 6.25 6.78
C ARG A 21 -4.96 5.46 7.56
N GLY A 22 -3.74 6.00 7.61
CA GLY A 22 -2.66 5.33 8.34
C GLY A 22 -1.68 6.31 8.94
N VAL A 23 -0.45 5.86 9.15
CA VAL A 23 0.59 6.71 9.72
C VAL A 23 1.98 6.21 9.34
N VAL A 24 2.86 7.15 8.97
CA VAL A 24 4.22 6.81 8.57
C VAL A 24 4.97 6.16 9.74
N VAL A 25 5.22 4.85 9.63
CA VAL A 25 5.93 4.12 10.66
C VAL A 25 7.44 4.25 10.48
N ALA A 26 7.86 4.66 9.30
CA ALA A 26 9.27 4.83 9.00
C ALA A 26 9.47 5.41 7.60
N ILE A 27 10.54 6.18 7.44
CA ILE A 27 10.85 6.80 6.16
C ILE A 27 12.15 6.25 5.57
N ASP A 28 12.00 5.32 4.64
CA ASP A 28 13.16 4.70 3.99
C ASP A 28 14.00 5.75 3.27
N LYS A 29 14.97 5.29 2.49
CA LYS A 29 15.85 6.19 1.74
C LYS A 29 15.20 6.62 0.44
N ASP A 30 14.53 5.68 -0.23
CA ASP A 30 13.86 5.97 -1.49
C ASP A 30 12.35 5.74 -1.37
N VAL A 31 11.97 4.85 -0.46
CA VAL A 31 10.56 4.54 -0.25
C VAL A 31 10.09 4.99 1.12
N VAL A 32 8.83 4.74 1.43
CA VAL A 32 8.27 5.11 2.72
C VAL A 32 7.39 4.01 3.29
N LEU A 33 7.48 3.80 4.59
CA LEU A 33 6.69 2.76 5.26
C LEU A 33 5.55 3.38 6.05
N VAL A 34 4.33 2.96 5.72
CA VAL A 34 3.14 3.47 6.40
C VAL A 34 2.28 2.34 6.95
N ASP A 35 1.64 2.58 8.09
CA ASP A 35 0.80 1.57 8.72
C ASP A 35 -0.67 1.95 8.61
N ALA A 36 -1.30 1.52 7.53
CA ALA A 36 -2.72 1.82 7.30
C ALA A 36 -3.62 0.90 8.12
N GLY A 37 -3.53 -0.40 7.85
CA GLY A 37 -4.34 -1.36 8.58
C GLY A 37 -4.01 -2.80 8.21
N LEU A 38 -2.72 -3.12 8.22
CA LEU A 38 -2.27 -4.47 7.88
C LEU A 38 -1.27 -4.98 8.91
N LYS A 39 -1.11 -6.29 8.97
CA LYS A 39 -0.17 -6.92 9.90
C LYS A 39 1.25 -6.40 9.67
N SER A 40 1.57 -6.12 8.42
CA SER A 40 2.90 -5.63 8.06
C SER A 40 2.83 -4.16 7.63
N GLU A 41 3.98 -3.62 7.23
CA GLU A 41 4.06 -2.23 6.80
C GLU A 41 3.82 -2.11 5.29
N SER A 42 2.78 -1.36 4.93
CA SER A 42 2.44 -1.17 3.52
C SER A 42 3.53 -0.40 2.79
N ALA A 43 4.20 -1.08 1.86
CA ALA A 43 5.26 -0.45 1.09
C ALA A 43 4.71 0.58 0.11
N ILE A 44 5.15 1.82 0.26
CA ILE A 44 4.70 2.91 -0.61
C ILE A 44 5.86 3.83 -0.99
N PRO A 45 5.96 4.15 -2.29
CA PRO A 45 7.01 5.03 -2.80
C PRO A 45 6.83 6.48 -2.35
N ALA A 46 7.90 7.07 -1.83
CA ALA A 46 7.86 8.44 -1.36
C ALA A 46 7.38 9.38 -2.46
N GLU A 47 7.60 8.99 -3.71
CA GLU A 47 7.19 9.79 -4.85
C GLU A 47 5.68 10.03 -4.84
N GLN A 48 4.95 9.11 -4.22
CA GLN A 48 3.51 9.22 -4.13
C GLN A 48 3.09 10.12 -2.97
N PHE A 49 3.88 10.09 -1.90
CA PHE A 49 3.59 10.91 -0.72
C PHE A 49 4.00 12.36 -0.95
N LYS A 50 5.15 12.55 -1.60
CA LYS A 50 5.65 13.89 -1.89
C LYS A 50 4.75 14.60 -2.89
N ASN A 51 5.12 15.84 -3.23
CA ASN A 51 4.35 16.63 -4.18
C ASN A 51 5.12 16.81 -5.49
N ALA A 52 4.55 17.57 -6.41
CA ALA A 52 5.18 17.82 -7.70
C ALA A 52 6.54 18.47 -7.52
N GLN A 53 6.75 19.08 -6.36
CA GLN A 53 8.01 19.75 -6.06
C GLN A 53 9.14 18.74 -5.92
N GLY A 54 8.79 17.52 -5.52
CA GLY A 54 9.80 16.48 -5.35
C GLY A 54 10.18 16.27 -3.89
N GLU A 55 9.77 17.20 -3.04
CA GLU A 55 10.07 17.13 -1.62
C GLU A 55 8.95 16.42 -0.86
N LEU A 56 9.32 15.46 -0.03
CA LEU A 56 8.34 14.71 0.76
C LEU A 56 7.60 15.64 1.73
N GLU A 57 6.30 15.81 1.50
CA GLU A 57 5.49 16.66 2.36
C GLU A 57 5.25 16.01 3.71
N ILE A 58 5.44 14.69 3.77
CA ILE A 58 5.25 13.94 5.01
C ILE A 58 6.57 13.40 5.53
N GLN A 59 6.56 12.91 6.77
CA GLN A 59 7.76 12.36 7.39
C GLN A 59 7.39 11.33 8.46
N VAL A 60 8.41 10.73 9.06
CA VAL A 60 8.19 9.73 10.10
C VAL A 60 7.34 10.28 11.22
N GLY A 61 6.26 9.57 11.54
CA GLY A 61 5.37 10.00 12.61
C GLY A 61 4.19 10.79 12.07
N ASP A 62 4.29 11.25 10.83
CA ASP A 62 3.22 12.02 10.21
C ASP A 62 2.10 11.11 9.74
N GLU A 63 0.86 11.49 10.07
CA GLU A 63 -0.30 10.71 9.69
C GLU A 63 -0.63 10.90 8.21
N VAL A 64 -0.54 9.81 7.45
CA VAL A 64 -0.81 9.86 6.02
C VAL A 64 -1.96 8.92 5.65
N ASP A 65 -2.56 9.16 4.49
CA ASP A 65 -3.67 8.33 4.02
C ASP A 65 -3.22 7.40 2.90
N VAL A 66 -3.23 6.10 3.18
CA VAL A 66 -2.83 5.10 2.21
C VAL A 66 -4.00 4.71 1.30
N ALA A 67 -3.76 4.70 -0.01
CA ALA A 67 -4.79 4.34 -0.97
C ALA A 67 -5.06 2.83 -0.94
N LEU A 68 -6.18 2.45 -0.32
CA LEU A 68 -6.55 1.04 -0.23
C LEU A 68 -6.54 0.38 -1.60
N ASP A 69 -5.63 -0.57 -1.78
CA ASP A 69 -5.52 -1.28 -3.05
C ASP A 69 -5.38 -2.78 -2.82
N ALA A 70 -6.11 -3.57 -3.60
CA ALA A 70 -6.06 -5.02 -3.48
C ALA A 70 -5.51 -5.66 -4.75
N VAL A 71 -4.59 -6.60 -4.58
CA VAL A 71 -3.97 -7.28 -5.71
C VAL A 71 -3.76 -8.76 -5.40
N GLU A 72 -4.53 -9.62 -6.07
CA GLU A 72 -4.42 -11.05 -5.87
C GLU A 72 -3.29 -11.65 -6.70
N ASP A 73 -2.92 -12.88 -6.41
CA ASP A 73 -1.85 -13.56 -7.13
C ASP A 73 -2.18 -15.03 -7.32
N GLY A 74 -1.25 -15.76 -7.96
CA GLY A 74 -1.46 -17.17 -8.20
C GLY A 74 -0.17 -17.91 -8.47
N PHE A 75 0.34 -18.61 -7.45
CA PHE A 75 1.58 -19.35 -7.59
C PHE A 75 1.42 -20.52 -8.57
N GLY A 76 0.47 -21.40 -8.27
CA GLY A 76 0.23 -22.54 -9.13
C GLY A 76 -0.95 -22.33 -10.06
N GLU A 77 -0.78 -21.47 -11.05
CA GLU A 77 -1.85 -21.18 -12.01
C GLU A 77 -2.36 -22.47 -12.66
N THR A 78 -3.59 -22.43 -13.17
CA THR A 78 -4.20 -23.57 -13.81
C THR A 78 -3.39 -24.01 -15.04
N LEU A 79 -3.24 -25.31 -15.21
CA LEU A 79 -2.49 -25.85 -16.34
C LEU A 79 -3.33 -25.79 -17.62
N LEU A 80 -2.73 -26.24 -18.73
CA LEU A 80 -3.42 -26.24 -20.01
C LEU A 80 -4.75 -27.00 -19.93
N SER A 81 -5.85 -26.29 -20.15
CA SER A 81 -7.17 -26.88 -20.09
C SER A 81 -7.67 -27.21 -21.50
N ARG A 82 -8.44 -28.29 -21.60
CA ARG A 82 -8.99 -28.71 -22.90
C ARG A 82 -10.19 -27.85 -23.27
N GLU A 83 -10.92 -27.39 -22.26
CA GLU A 83 -12.10 -26.57 -22.50
C GLU A 83 -11.74 -25.28 -23.24
N LYS A 84 -10.58 -24.71 -22.90
CA LYS A 84 -10.13 -23.49 -23.53
C LYS A 84 -9.97 -23.68 -25.03
N ALA A 85 -9.72 -24.92 -25.44
CA ALA A 85 -9.55 -25.23 -26.85
C ALA A 85 -10.91 -25.33 -27.56
N LYS A 86 -11.09 -24.48 -28.57
CA LYS A 86 -12.33 -24.48 -29.33
C LYS A 86 -12.27 -25.45 -30.50
N ARG A 87 -13.41 -26.06 -30.82
CA ARG A 87 -13.48 -27.01 -31.92
C ARG A 87 -13.85 -26.31 -33.22
N HIS A 88 -13.12 -26.63 -34.29
CA HIS A 88 -13.38 -26.02 -35.59
C HIS A 88 -14.83 -26.22 -36.01
N GLU A 89 -15.36 -25.28 -36.79
CA GLU A 89 -16.74 -25.36 -37.26
C GLU A 89 -16.95 -26.60 -38.11
N ALA A 90 -15.86 -27.16 -38.63
CA ALA A 90 -15.94 -28.34 -39.48
C ALA A 90 -15.87 -29.61 -38.63
N TRP A 91 -16.43 -30.70 -39.16
CA TRP A 91 -16.44 -31.97 -38.45
C TRP A 91 -15.97 -33.10 -39.36
N ILE A 92 -16.01 -34.32 -38.85
CA ILE A 92 -15.58 -35.49 -39.62
C ILE A 92 -16.66 -36.57 -39.61
N THR A 93 -17.29 -36.75 -38.45
CA THR A 93 -18.34 -37.75 -38.31
C THR A 93 -17.86 -39.13 -38.78
N LEU A 94 -16.54 -39.34 -38.72
CA LEU A 94 -15.96 -40.61 -39.14
C LEU A 94 -15.04 -41.16 -38.06
N GLU A 95 -14.56 -42.39 -38.27
CA GLU A 95 -13.68 -43.03 -37.31
C GLU A 95 -12.53 -42.10 -36.91
N LYS A 96 -11.58 -41.92 -37.82
CA LYS A 96 -10.42 -41.07 -37.58
C LYS A 96 -10.83 -39.60 -37.67
#